data_7BN2
#
_entry.id   7BN2
#
_cell.length_a   136.900
_cell.length_b   129.119
_cell.length_c   77.881
_cell.angle_alpha   90.000
_cell.angle_beta   115.294
_cell.angle_gamma   90.000
#
_symmetry.space_group_name_H-M   'C 1 2 1'
#
loop_
_entity.id
_entity.type
_entity.pdbx_description
1 polymer 'Clathrin heavy chain 1'
2 polymer 'Non structured protein 3 from Eastern Equine Encephalitis Virus'
3 non-polymer 'SULFATE ION'
4 non-polymer 'PHOSPHATE ION'
5 water water
#
loop_
_entity_poly.entity_id
_entity_poly.type
_entity_poly.pdbx_seq_one_letter_code
_entity_poly.pdbx_strand_id
1 'polypeptide(L)'
;MAQILPIRFQEHLQLQNLGINPANIGFSTLTMESDKFICIREKVGEQAQVVIIDMNDPSNPIRRPISADSAIMNPASKVI
ALKAGKTLQIFNIEMKSKMKAHTMTDDVTFWKWISLNTVALVTDNAVYHWSMEGESQPVKMFDRHSSLAGCQIINYRTDA
KQKWLLLTGISAQQNRVVGAMQLYSVDRKVSQPIEGHAASFAQFKMEGNAEESTLFCFAVRGQAGGKLHIIEVGTPPTGN
QPFPKKAVDVFFPPEAQNDFPVAMQISEKHDVVFLITKYGYIHLYDLETGTCIYMNRISGETIFVTAPHEATAGIIGVNR
KGQVLSVCVEEENIIPYITNVLQNPDLALRMAVRNNLAGAEELF
;
AAA,BBB
2 'polypeptide(L)' SDHSVDLITFDSVTDIY CCC,DDD
#
# COMPACT_ATOMS: atom_id res chain seq x y z
N GLN A 3 -22.15 -25.42 3.72
CA GLN A 3 -22.55 -24.80 5.01
C GLN A 3 -23.40 -23.55 4.75
N ILE A 4 -24.46 -23.35 5.56
CA ILE A 4 -25.25 -22.08 5.62
C ILE A 4 -24.42 -21.03 6.38
N LEU A 5 -24.43 -19.78 5.89
CA LEU A 5 -23.79 -18.61 6.54
C LEU A 5 -24.88 -17.67 7.04
N PRO A 6 -24.72 -17.00 8.19
CA PRO A 6 -25.75 -16.09 8.69
C PRO A 6 -25.71 -14.71 8.00
N ILE A 7 -24.71 -14.46 7.15
CA ILE A 7 -24.60 -13.21 6.33
C ILE A 7 -24.57 -13.57 4.84
N ARG A 8 -24.86 -12.57 4.01
CA ARG A 8 -24.77 -12.63 2.53
C ARG A 8 -23.86 -11.50 2.04
N PHE A 9 -22.92 -11.82 1.14
CA PHE A 9 -22.06 -10.84 0.41
C PHE A 9 -22.68 -10.52 -0.95
N GLN A 10 -22.46 -9.32 -1.43
CA GLN A 10 -22.91 -8.93 -2.79
C GLN A 10 -21.93 -7.89 -3.33
N GLU A 11 -21.41 -8.13 -4.54
CA GLU A 11 -20.61 -7.13 -5.30
C GLU A 11 -21.57 -6.30 -6.15
N HIS A 12 -21.61 -4.98 -5.94
CA HIS A 12 -22.55 -4.06 -6.64
C HIS A 12 -21.87 -3.44 -7.86
N LEU A 13 -20.55 -3.27 -7.84
CA LEU A 13 -19.81 -2.47 -8.83
C LEU A 13 -18.32 -2.74 -8.69
N GLN A 14 -17.59 -2.62 -9.81
CA GLN A 14 -16.14 -2.37 -9.86
C GLN A 14 -15.95 -0.98 -10.46
N LEU A 15 -15.44 -0.04 -9.68
CA LEU A 15 -15.26 1.37 -10.15
C LEU A 15 -14.25 1.41 -11.30
N GLN A 16 -13.37 0.40 -11.48
CA GLN A 16 -12.39 0.46 -12.60
C GLN A 16 -13.13 0.16 -13.92
N ASN A 17 -14.26 -0.56 -13.88
CA ASN A 17 -15.12 -0.75 -15.08
C ASN A 17 -15.82 0.56 -15.47
N LEU A 18 -15.70 1.62 -14.70
CA LEU A 18 -16.37 2.92 -15.02
C LEU A 18 -15.32 3.94 -15.43
N GLY A 19 -14.06 3.54 -15.59
CA GLY A 19 -12.96 4.46 -15.97
C GLY A 19 -12.41 5.21 -14.78
N ILE A 20 -12.72 4.80 -13.54
CA ILE A 20 -12.06 5.38 -12.33
C ILE A 20 -10.63 4.81 -12.28
N ASN A 21 -9.66 5.72 -12.24
CA ASN A 21 -8.22 5.47 -11.98
C ASN A 21 -8.00 4.99 -10.55
N PRO A 22 -7.40 3.80 -10.35
CA PRO A 22 -7.19 3.27 -9.00
C PRO A 22 -6.44 4.23 -8.06
N ALA A 23 -5.64 5.16 -8.59
CA ALA A 23 -4.87 6.15 -7.78
C ALA A 23 -5.82 7.10 -7.02
N ASN A 24 -7.08 7.21 -7.44
CA ASN A 24 -8.10 8.10 -6.83
C ASN A 24 -9.07 7.31 -5.95
N ILE A 25 -8.88 6.00 -5.84
CA ILE A 25 -9.75 5.15 -5.01
C ILE A 25 -9.08 5.04 -3.64
N GLY A 26 -9.35 5.99 -2.74
CA GLY A 26 -8.75 6.10 -1.41
C GLY A 26 -9.51 7.05 -0.50
N PHE A 27 -9.18 7.03 0.78
CA PHE A 27 -9.87 7.76 1.88
C PHE A 27 -10.07 9.24 1.54
N SER A 28 -9.05 9.91 1.01
CA SER A 28 -9.05 11.39 0.85
C SER A 28 -9.75 11.79 -0.45
N THR A 29 -9.92 10.88 -1.42
CA THR A 29 -10.41 11.22 -2.80
C THR A 29 -11.76 10.57 -3.13
N LEU A 30 -12.17 9.51 -2.44
CA LEU A 30 -13.47 8.87 -2.71
C LEU A 30 -14.34 8.98 -1.46
N THR A 31 -15.56 9.49 -1.60
CA THR A 31 -16.51 9.64 -0.48
C THR A 31 -17.78 8.87 -0.84
N MET A 32 -18.38 8.28 0.19
CA MET A 32 -19.63 7.52 0.07
C MET A 32 -20.37 7.75 1.39
N GLU A 33 -21.18 8.79 1.41
CA GLU A 33 -21.78 9.39 2.63
C GLU A 33 -23.07 8.63 2.96
N SER A 34 -23.61 7.91 1.98
CA SER A 34 -24.79 7.01 2.03
C SER A 34 -24.65 5.99 0.89
N ASP A 35 -25.57 5.04 0.78
CA ASP A 35 -25.53 4.03 -0.30
C ASP A 35 -26.04 4.60 -1.63
N LYS A 36 -26.43 5.90 -1.69
CA LYS A 36 -27.09 6.45 -2.91
C LYS A 36 -26.08 7.02 -3.89
N PHE A 37 -24.90 7.42 -3.45
CA PHE A 37 -23.90 8.05 -4.35
C PHE A 37 -22.48 7.70 -3.91
N ILE A 38 -21.58 7.72 -4.88
CA ILE A 38 -20.11 7.70 -4.64
C ILE A 38 -19.55 8.88 -5.41
N CYS A 39 -18.76 9.73 -4.75
CA CYS A 39 -18.00 10.83 -5.40
C CYS A 39 -16.51 10.54 -5.39
N ILE A 40 -15.86 10.74 -6.53
CA ILE A 40 -14.39 10.56 -6.66
C ILE A 40 -13.84 11.84 -7.28
N ARG A 41 -12.89 12.49 -6.60
CA ARG A 41 -12.08 13.59 -7.15
C ARG A 41 -10.94 13.01 -7.97
N GLU A 42 -10.82 13.42 -9.22
CA GLU A 42 -9.75 13.00 -10.16
C GLU A 42 -9.20 14.24 -10.84
N LYS A 43 -7.90 14.28 -11.08
CA LYS A 43 -7.25 15.25 -12.00
C LYS A 43 -7.09 14.53 -13.34
N VAL A 44 -7.81 14.95 -14.39
CA VAL A 44 -7.64 14.41 -15.78
C VAL A 44 -7.02 15.52 -16.66
N GLY A 45 -5.76 15.35 -17.04
CA GLY A 45 -4.93 16.44 -17.60
C GLY A 45 -4.63 17.47 -16.54
N GLU A 46 -4.97 18.74 -16.81
CA GLU A 46 -4.82 19.88 -15.87
C GLU A 46 -6.06 20.02 -15.00
N GLN A 47 -7.18 19.43 -15.41
CA GLN A 47 -8.53 19.76 -14.85
C GLN A 47 -8.88 18.82 -13.68
N ALA A 48 -8.96 19.37 -12.46
CA ALA A 48 -9.66 18.69 -11.34
C ALA A 48 -11.12 18.47 -11.73
N GLN A 49 -11.60 17.24 -11.58
CA GLN A 49 -13.01 16.89 -11.79
C GLN A 49 -13.56 16.25 -10.52
N VAL A 50 -14.88 16.22 -10.39
CA VAL A 50 -15.56 15.26 -9.49
C VAL A 50 -16.35 14.30 -10.37
N VAL A 51 -16.25 13.01 -10.07
CA VAL A 51 -17.05 11.95 -10.73
C VAL A 51 -18.17 11.56 -9.76
N ILE A 52 -19.41 11.69 -10.17
CA ILE A 52 -20.57 11.35 -9.31
C ILE A 52 -21.24 10.10 -9.86
N ILE A 53 -21.20 9.03 -9.07
CA ILE A 53 -21.90 7.76 -9.39
C ILE A 53 -23.21 7.73 -8.64
N ASP A 54 -24.29 7.80 -9.40
CA ASP A 54 -25.66 7.48 -8.95
C ASP A 54 -25.79 5.97 -8.84
N MET A 55 -25.91 5.44 -7.62
CA MET A 55 -25.99 3.97 -7.40
C MET A 55 -27.26 3.41 -8.06
N ASN A 56 -28.29 4.21 -8.33
CA ASN A 56 -29.51 3.73 -9.04
CA ASN A 56 -29.51 3.74 -9.04
C ASN A 56 -29.30 3.79 -10.55
N ASP A 57 -28.16 4.34 -11.00
CA ASP A 57 -27.82 4.47 -12.45
C ASP A 57 -26.30 4.44 -12.62
N PRO A 58 -25.64 3.36 -12.17
CA PRO A 58 -24.19 3.37 -12.01
C PRO A 58 -23.40 3.42 -13.33
N SER A 59 -24.02 2.95 -14.42
CA SER A 59 -23.40 2.89 -15.77
C SER A 59 -23.02 4.29 -16.27
N ASN A 60 -23.70 5.34 -15.80
CA ASN A 60 -23.62 6.73 -16.37
C ASN A 60 -23.07 7.72 -15.33
N PRO A 61 -21.79 7.59 -14.89
CA PRO A 61 -21.13 8.55 -14.00
C PRO A 61 -21.12 9.89 -14.74
N ILE A 62 -21.33 11.01 -14.05
CA ILE A 62 -21.20 12.36 -14.67
C ILE A 62 -19.94 13.03 -14.11
N ARG A 63 -19.04 13.53 -14.97
CA ARG A 63 -17.84 14.26 -14.54
C ARG A 63 -18.12 15.76 -14.66
N ARG A 64 -17.75 16.54 -13.67
CA ARG A 64 -17.90 18.02 -13.68
C ARG A 64 -16.59 18.60 -13.24
N PRO A 65 -16.10 19.69 -13.87
CA PRO A 65 -14.89 20.34 -13.40
C PRO A 65 -15.13 20.89 -11.97
N ILE A 66 -14.09 20.87 -11.13
CA ILE A 66 -14.11 21.47 -9.76
C ILE A 66 -12.76 22.11 -9.49
N SER A 67 -12.70 22.94 -8.45
CA SER A 67 -11.48 23.47 -7.80
C SER A 67 -11.60 23.25 -6.28
N ALA A 68 -12.42 22.28 -5.85
CA ALA A 68 -12.58 21.86 -4.43
C ALA A 68 -11.50 20.84 -4.03
N ASP A 69 -11.04 20.88 -2.78
CA ASP A 69 -10.12 19.90 -2.17
C ASP A 69 -10.91 18.73 -1.57
N SER A 70 -12.23 18.80 -1.53
CA SER A 70 -13.10 17.78 -0.89
C SER A 70 -14.55 17.96 -1.36
N ALA A 71 -15.20 16.84 -1.65
CA ALA A 71 -16.61 16.71 -2.10
C ALA A 71 -17.33 15.63 -1.28
N ILE A 72 -18.46 15.98 -0.67
CA ILE A 72 -19.32 14.99 0.03
C ILE A 72 -20.77 15.20 -0.40
N MET A 73 -21.37 14.18 -0.98
CA MET A 73 -22.79 14.22 -1.41
C MET A 73 -23.70 14.07 -0.18
N ASN A 74 -24.79 14.82 -0.16
CA ASN A 74 -25.91 14.58 0.77
C ASN A 74 -26.31 13.10 0.74
N PRO A 75 -26.74 12.53 1.87
CA PRO A 75 -27.16 11.13 1.88
C PRO A 75 -28.37 10.79 0.98
N ALA A 76 -29.30 11.73 0.72
CA ALA A 76 -30.60 11.43 0.07
C ALA A 76 -30.80 12.20 -1.26
N SER A 77 -30.20 13.37 -1.43
CA SER A 77 -30.46 14.28 -2.57
C SER A 77 -29.18 14.53 -3.34
N LYS A 78 -29.27 14.86 -4.62
CA LYS A 78 -28.08 15.31 -5.41
C LYS A 78 -27.76 16.75 -4.98
N VAL A 79 -27.43 16.91 -3.70
CA VAL A 79 -26.90 18.15 -3.09
C VAL A 79 -25.47 17.85 -2.68
N ILE A 80 -24.50 18.63 -3.12
CA ILE A 80 -23.07 18.35 -2.86
C ILE A 80 -22.47 19.47 -2.01
N ALA A 81 -21.65 19.11 -1.02
CA ALA A 81 -20.83 20.05 -0.23
C ALA A 81 -19.40 20.01 -0.78
N LEU A 82 -18.87 21.17 -1.11
CA LEU A 82 -17.54 21.37 -1.70
C LEU A 82 -16.77 22.34 -0.80
N LYS A 83 -15.48 22.12 -0.64
CA LYS A 83 -14.66 23.13 0.06
C LYS A 83 -13.31 23.23 -0.63
N ALA A 84 -12.67 24.37 -0.42
CA ALA A 84 -11.28 24.65 -0.80
C ALA A 84 -10.74 25.54 0.31
N GLY A 85 -9.90 24.97 1.19
CA GLY A 85 -9.42 25.64 2.40
C GLY A 85 -10.61 25.99 3.28
N LYS A 86 -10.90 27.27 3.43
CA LYS A 86 -11.89 27.79 4.41
C LYS A 86 -13.21 28.06 3.71
N THR A 87 -13.21 27.99 2.37
CA THR A 87 -14.38 28.24 1.51
C THR A 87 -15.24 26.99 1.44
N LEU A 88 -16.44 27.05 2.02
CA LEU A 88 -17.48 26.00 1.93
C LEU A 88 -18.61 26.47 1.00
N GLN A 89 -19.10 25.58 0.12
CA GLN A 89 -20.22 25.86 -0.80
C GLN A 89 -21.10 24.62 -0.87
N ILE A 90 -22.41 24.81 -0.92
CA ILE A 90 -23.42 23.73 -1.08
C ILE A 90 -24.09 23.99 -2.42
N PHE A 91 -24.17 22.99 -3.28
CA PHE A 91 -24.84 23.07 -4.59
C PHE A 91 -25.94 22.01 -4.69
N ASN A 92 -27.08 22.43 -5.22
CA ASN A 92 -28.11 21.50 -5.76
C ASN A 92 -27.69 21.26 -7.21
N ILE A 93 -27.29 20.04 -7.53
CA ILE A 93 -26.64 19.72 -8.83
C ILE A 93 -27.70 19.81 -9.95
N GLU A 94 -28.89 19.30 -9.67
CA GLU A 94 -30.01 19.27 -10.65
C GLU A 94 -30.41 20.73 -10.96
N MET A 95 -30.33 21.61 -9.96
CA MET A 95 -30.71 23.04 -10.11
C MET A 95 -29.50 23.87 -10.61
N LYS A 96 -28.31 23.29 -10.70
CA LYS A 96 -27.08 24.00 -11.12
C LYS A 96 -26.95 25.28 -10.31
N SER A 97 -27.32 25.24 -9.05
CA SER A 97 -27.50 26.42 -8.19
C SER A 97 -26.74 26.26 -6.87
N LYS A 98 -26.06 27.31 -6.45
CA LYS A 98 -25.40 27.41 -5.13
C LYS A 98 -26.46 27.71 -4.06
N MET A 99 -26.77 26.73 -3.22
CA MET A 99 -27.75 26.84 -2.10
CA MET A 99 -27.78 26.91 -2.15
C MET A 99 -27.17 27.75 -1.00
N LYS A 100 -25.94 27.46 -0.56
CA LYS A 100 -25.33 28.19 0.58
C LYS A 100 -23.82 28.25 0.43
N ALA A 101 -23.21 29.14 1.19
CA ALA A 101 -21.75 29.33 1.23
C ALA A 101 -21.42 29.81 2.63
N HIS A 102 -20.22 29.49 3.08
CA HIS A 102 -19.68 30.01 4.33
C HIS A 102 -18.16 29.99 4.23
N THR A 103 -17.50 30.99 4.80
CA THR A 103 -16.03 31.05 4.90
C THR A 103 -15.67 30.83 6.37
N MET A 104 -15.07 29.68 6.69
CA MET A 104 -14.56 29.35 8.04
C MET A 104 -13.34 30.23 8.33
N THR A 105 -12.98 30.35 9.60
CA THR A 105 -11.72 31.00 10.04
C THR A 105 -10.63 29.97 10.29
N ASP A 106 -10.95 28.67 10.18
CA ASP A 106 -10.00 27.54 10.29
C ASP A 106 -10.18 26.55 9.13
N ASP A 107 -9.10 25.95 8.63
CA ASP A 107 -9.24 24.83 7.65
C ASP A 107 -10.07 23.72 8.29
N VAL A 108 -10.90 23.11 7.47
CA VAL A 108 -11.72 21.97 7.91
C VAL A 108 -10.93 20.74 7.53
N THR A 109 -10.53 19.92 8.50
CA THR A 109 -9.66 18.76 8.25
C THR A 109 -10.52 17.53 7.99
N PHE A 110 -11.76 17.53 8.52
CA PHE A 110 -12.69 16.41 8.27
C PHE A 110 -14.12 16.95 8.28
N TRP A 111 -14.94 16.45 7.39
CA TRP A 111 -16.39 16.77 7.37
C TRP A 111 -17.16 15.62 6.76
N LYS A 112 -18.47 15.61 7.05
CA LYS A 112 -19.37 14.56 6.58
C LYS A 112 -20.79 15.00 6.87
N TRP A 113 -21.74 14.36 6.21
CA TRP A 113 -23.17 14.52 6.51
C TRP A 113 -23.49 13.62 7.69
N ILE A 114 -24.08 14.17 8.74
CA ILE A 114 -24.49 13.39 9.93
C ILE A 114 -25.99 13.13 9.89
N SER A 115 -26.68 13.67 8.89
CA SER A 115 -28.14 13.53 8.68
C SER A 115 -28.52 13.96 7.26
N LEU A 116 -29.81 13.95 6.98
CA LEU A 116 -30.38 14.43 5.71
C LEU A 116 -30.09 15.92 5.56
N ASN A 117 -29.97 16.69 6.65
CA ASN A 117 -29.90 18.18 6.53
C ASN A 117 -28.71 18.80 7.26
N THR A 118 -27.80 18.03 7.85
CA THR A 118 -26.70 18.65 8.64
C THR A 118 -25.33 18.12 8.23
N VAL A 119 -24.38 19.04 8.06
CA VAL A 119 -22.96 18.72 7.77
C VAL A 119 -22.22 18.98 9.08
N ALA A 120 -21.40 18.04 9.52
CA ALA A 120 -20.47 18.21 10.64
C ALA A 120 -19.13 18.63 10.05
N LEU A 121 -18.50 19.61 10.70
CA LEU A 121 -17.17 20.17 10.34
C LEU A 121 -16.21 19.99 11.51
N VAL A 122 -15.02 19.45 11.22
CA VAL A 122 -13.94 19.29 12.24
C VAL A 122 -12.74 20.13 11.80
N THR A 123 -12.34 21.04 12.66
CA THR A 123 -11.13 21.86 12.50
C THR A 123 -10.06 21.28 13.41
N ASP A 124 -8.86 21.84 13.39
CA ASP A 124 -7.81 21.44 14.34
C ASP A 124 -8.32 21.53 15.79
N ASN A 125 -9.29 22.39 16.16
CA ASN A 125 -9.57 22.56 17.61
C ASN A 125 -11.06 22.51 17.96
N ALA A 126 -11.99 22.24 17.03
CA ALA A 126 -13.43 22.21 17.38
C ALA A 126 -14.25 21.41 16.37
N VAL A 127 -15.48 21.21 16.74
CA VAL A 127 -16.48 20.47 15.93
C VAL A 127 -17.69 21.37 15.78
N TYR A 128 -18.20 21.45 14.55
CA TYR A 128 -19.32 22.31 14.18
C TYR A 128 -20.41 21.48 13.52
N HIS A 129 -21.66 21.87 13.75
CA HIS A 129 -22.82 21.43 12.94
C HIS A 129 -23.29 22.59 12.04
N TRP A 130 -23.61 22.27 10.78
CA TRP A 130 -24.09 23.26 9.78
C TRP A 130 -25.40 22.72 9.21
N SER A 131 -26.51 23.27 9.69
CA SER A 131 -27.85 22.95 9.16
C SER A 131 -27.99 23.56 7.76
N MET A 132 -28.61 22.84 6.83
CA MET A 132 -28.96 23.36 5.51
C MET A 132 -30.29 24.16 5.55
N GLU A 133 -31.00 24.20 6.68
CA GLU A 133 -32.27 24.97 6.81
C GLU A 133 -31.99 26.48 6.75
N GLY A 134 -32.81 27.23 6.02
CA GLY A 134 -32.82 28.70 6.00
C GLY A 134 -31.42 29.28 5.88
N GLU A 135 -31.10 30.23 6.76
CA GLU A 135 -29.83 31.01 6.70
C GLU A 135 -28.84 30.51 7.76
N SER A 136 -28.99 29.28 8.22
CA SER A 136 -28.11 28.68 9.27
C SER A 136 -26.64 28.77 8.84
N GLN A 137 -25.78 29.23 9.74
CA GLN A 137 -24.31 29.14 9.59
C GLN A 137 -23.81 28.04 10.54
N PRO A 138 -22.57 27.55 10.34
CA PRO A 138 -22.00 26.57 11.27
C PRO A 138 -22.08 27.06 12.73
N VAL A 139 -22.46 26.13 13.62
CA VAL A 139 -22.45 26.38 15.08
CA VAL A 139 -22.52 26.31 15.10
C VAL A 139 -21.47 25.38 15.71
N LYS A 140 -20.62 25.90 16.58
CA LYS A 140 -19.67 25.11 17.38
C LYS A 140 -20.45 24.25 18.37
N MET A 141 -20.14 22.96 18.39
CA MET A 141 -20.79 21.97 19.28
C MET A 141 -19.92 21.73 20.52
N PHE A 142 -18.61 21.63 20.33
CA PHE A 142 -17.63 21.46 21.43
C PHE A 142 -16.22 21.75 20.91
N ASP A 143 -15.31 22.02 21.86
CA ASP A 143 -13.85 22.13 21.72
C ASP A 143 -13.26 20.72 21.74
N ARG A 144 -12.37 20.42 20.80
CA ARG A 144 -11.64 19.14 20.72
C ARG A 144 -10.82 18.93 21.99
N HIS A 145 -10.87 17.72 22.54
CA HIS A 145 -10.02 17.27 23.68
C HIS A 145 -8.57 17.07 23.23
N SER A 146 -7.63 17.39 24.13
CA SER A 146 -6.16 17.32 23.87
C SER A 146 -5.75 15.89 23.54
N SER A 147 -6.48 14.90 24.04
CA SER A 147 -6.20 13.48 23.76
C SER A 147 -6.25 13.21 22.25
N LEU A 148 -6.89 14.05 21.42
CA LEU A 148 -7.01 13.78 19.94
C LEU A 148 -6.00 14.65 19.17
N ALA A 149 -5.21 15.47 19.86
CA ALA A 149 -4.26 16.42 19.24
C ALA A 149 -3.29 15.65 18.34
N GLY A 150 -3.11 16.04 17.09
CA GLY A 150 -2.18 15.33 16.18
C GLY A 150 -2.69 13.96 15.75
N CYS A 151 -3.97 13.60 16.00
CA CYS A 151 -4.59 12.40 15.40
C CYS A 151 -5.03 12.71 13.97
N GLN A 152 -5.03 11.71 13.09
CA GLN A 152 -5.80 11.73 11.83
C GLN A 152 -7.28 11.54 12.24
N ILE A 153 -8.14 12.49 11.95
CA ILE A 153 -9.58 12.32 12.26
C ILE A 153 -10.16 11.38 11.20
N ILE A 154 -10.84 10.29 11.62
CA ILE A 154 -11.34 9.26 10.68
C ILE A 154 -12.87 9.14 10.79
N ASN A 155 -13.50 9.69 11.82
CA ASN A 155 -14.97 9.59 11.88
C ASN A 155 -15.56 10.53 12.91
N TYR A 156 -16.86 10.76 12.78
CA TYR A 156 -17.65 11.61 13.67
C TYR A 156 -19.05 11.05 13.58
N ARG A 157 -19.71 10.76 14.70
CA ARG A 157 -21.08 10.21 14.68
C ARG A 157 -21.87 10.79 15.84
N THR A 158 -23.19 10.74 15.72
CA THR A 158 -24.12 11.26 16.74
C THR A 158 -25.23 10.25 16.92
N ASP A 159 -25.95 10.40 18.02
CA ASP A 159 -27.20 9.64 18.21
C ASP A 159 -28.26 10.33 17.36
N ALA A 160 -29.43 9.70 17.28
CA ALA A 160 -30.53 10.19 16.43
C ALA A 160 -30.87 11.64 16.79
N LYS A 161 -30.86 11.99 18.07
CA LYS A 161 -31.32 13.33 18.57
C LYS A 161 -30.18 14.35 18.64
N GLN A 162 -28.96 13.98 18.28
CA GLN A 162 -27.80 14.89 18.20
C GLN A 162 -27.52 15.47 19.60
N LYS A 163 -27.67 14.62 20.63
CA LYS A 163 -27.37 14.97 22.04
C LYS A 163 -26.06 14.33 22.50
N TRP A 164 -25.64 13.26 21.81
CA TRP A 164 -24.37 12.54 22.04
C TRP A 164 -23.55 12.57 20.76
N LEU A 165 -22.35 13.08 20.86
CA LEU A 165 -21.47 13.38 19.72
C LEU A 165 -20.15 12.66 19.95
N LEU A 166 -19.64 11.96 18.94
CA LEU A 166 -18.42 11.16 19.10
C LEU A 166 -17.46 11.41 17.95
N LEU A 167 -16.28 11.91 18.29
CA LEU A 167 -15.19 12.24 17.35
C LEU A 167 -14.13 11.18 17.51
N THR A 168 -13.62 10.63 16.41
CA THR A 168 -12.62 9.54 16.44
C THR A 168 -11.39 9.91 15.61
N GLY A 169 -10.24 9.82 16.26
CA GLY A 169 -8.92 9.99 15.66
C GLY A 169 -8.03 8.80 15.94
N ILE A 170 -7.03 8.61 15.08
CA ILE A 170 -6.01 7.55 15.26
C ILE A 170 -4.63 8.16 15.12
N SER A 171 -3.62 7.48 15.68
CA SER A 171 -2.19 7.85 15.55
C SER A 171 -1.31 6.62 15.80
N ALA A 172 -0.05 6.70 15.39
CA ALA A 172 1.02 5.71 15.66
C ALA A 172 1.51 5.91 17.09
N GLN A 173 1.41 4.89 17.94
CA GLN A 173 1.98 4.90 19.30
C GLN A 173 2.46 3.50 19.63
N GLN A 174 3.73 3.38 20.03
CA GLN A 174 4.32 2.06 20.38
C GLN A 174 4.18 1.16 19.13
N ASN A 175 4.36 1.72 17.94
CA ASN A 175 4.20 0.94 16.69
C ASN A 175 2.85 0.19 16.64
N ARG A 176 1.78 0.75 17.16
CA ARG A 176 0.42 0.32 16.73
C ARG A 176 -0.48 1.54 16.51
N VAL A 177 -1.56 1.31 15.78
CA VAL A 177 -2.60 2.33 15.50
C VAL A 177 -3.50 2.40 16.73
N VAL A 178 -3.43 3.50 17.45
CA VAL A 178 -4.18 3.71 18.71
C VAL A 178 -5.34 4.65 18.36
N GLY A 179 -6.54 4.24 18.76
CA GLY A 179 -7.77 5.04 18.62
C GLY A 179 -7.98 5.91 19.82
N ALA A 180 -8.23 7.20 19.58
CA ALA A 180 -8.66 8.21 20.57
C ALA A 180 -10.03 8.73 20.17
N MET A 181 -11.01 8.56 21.04
CA MET A 181 -12.39 9.07 20.87
C MET A 181 -12.67 10.15 21.91
N GLN A 182 -13.50 11.14 21.53
CA GLN A 182 -14.12 12.12 22.44
C GLN A 182 -15.64 11.97 22.33
N LEU A 183 -16.29 11.61 23.42
CA LEU A 183 -17.76 11.55 23.51
C LEU A 183 -18.18 12.84 24.23
N TYR A 184 -19.05 13.63 23.60
CA TYR A 184 -19.52 14.93 24.15
C TYR A 184 -20.99 14.80 24.46
N SER A 185 -21.39 15.16 25.69
CA SER A 185 -22.83 15.36 26.05
C SER A 185 -23.21 16.79 25.73
N VAL A 186 -24.20 16.98 24.88
CA VAL A 186 -24.70 18.34 24.53
C VAL A 186 -25.48 18.91 25.71
N ASP A 187 -26.22 18.08 26.45
CA ASP A 187 -27.05 18.55 27.59
C ASP A 187 -26.16 18.87 28.80
N ARG A 188 -25.11 18.10 29.03
CA ARG A 188 -24.29 18.24 30.27
C ARG A 188 -23.06 19.09 29.98
N LYS A 189 -22.73 19.30 28.70
CA LYS A 189 -21.54 20.07 28.27
C LYS A 189 -20.27 19.45 28.86
N VAL A 190 -20.15 18.13 28.80
CA VAL A 190 -19.00 17.37 29.32
C VAL A 190 -18.45 16.50 28.20
N SER A 191 -17.13 16.44 28.07
CA SER A 191 -16.42 15.51 27.16
C SER A 191 -15.85 14.35 27.98
N GLN A 192 -15.86 13.13 27.43
CA GLN A 192 -15.16 11.96 27.98
C GLN A 192 -14.16 11.42 26.97
N PRO A 193 -12.84 11.38 27.27
CA PRO A 193 -11.93 10.71 26.35
C PRO A 193 -12.07 9.20 26.57
N ILE A 194 -12.11 8.46 25.47
CA ILE A 194 -12.27 6.97 25.45
C ILE A 194 -11.30 6.42 24.41
N GLU A 195 -10.55 5.38 24.75
CA GLU A 195 -9.78 4.60 23.75
C GLU A 195 -10.76 3.76 22.90
N GLY A 196 -10.79 3.97 21.59
CA GLY A 196 -11.69 3.26 20.66
C GLY A 196 -11.28 3.46 19.19
N HIS A 197 -11.64 2.51 18.35
CA HIS A 197 -11.27 2.44 16.90
CA HIS A 197 -11.27 2.44 16.91
C HIS A 197 -12.49 2.67 16.02
N ALA A 198 -13.67 2.15 16.42
CA ALA A 198 -14.92 2.26 15.63
C ALA A 198 -16.11 2.29 16.57
N ALA A 199 -17.19 2.91 16.14
CA ALA A 199 -18.33 3.22 17.03
C ALA A 199 -19.56 3.53 16.21
N SER A 200 -20.71 3.36 16.83
CA SER A 200 -22.01 3.83 16.31
C SER A 200 -22.96 4.04 17.49
N PHE A 201 -23.99 4.85 17.31
CA PHE A 201 -25.14 4.92 18.27
C PHE A 201 -26.22 4.06 17.65
N ALA A 202 -27.19 3.66 18.44
CA ALA A 202 -28.37 2.90 18.00
C ALA A 202 -29.52 3.15 18.96
N GLN A 203 -30.73 3.07 18.43
CA GLN A 203 -31.99 3.13 19.19
C GLN A 203 -32.44 1.68 19.41
N PHE A 204 -32.77 1.32 20.65
CA PHE A 204 -33.17 -0.07 20.97
C PHE A 204 -34.28 -0.06 22.03
N LYS A 205 -35.44 -0.62 21.69
CA LYS A 205 -36.53 -0.72 22.69
C LYS A 205 -36.45 -2.07 23.41
N MET A 206 -36.04 -2.05 24.67
CA MET A 206 -36.08 -3.21 25.59
C MET A 206 -37.55 -3.65 25.77
N GLU A 207 -37.81 -4.96 25.72
CA GLU A 207 -39.12 -5.54 26.13
C GLU A 207 -39.45 -5.06 27.54
N GLY A 208 -40.69 -4.64 27.79
CA GLY A 208 -41.08 -4.03 29.08
C GLY A 208 -40.84 -2.53 29.16
N ASN A 209 -40.15 -1.94 28.18
CA ASN A 209 -39.91 -0.46 28.13
C ASN A 209 -40.90 0.19 27.16
N ALA A 210 -41.51 1.31 27.53
CA ALA A 210 -42.40 2.10 26.62
C ALA A 210 -41.57 2.92 25.63
N GLU A 211 -40.36 3.36 26.02
CA GLU A 211 -39.44 4.22 25.22
C GLU A 211 -38.18 3.46 24.82
N GLU A 212 -37.71 3.78 23.62
CA GLU A 212 -36.40 3.37 23.10
C GLU A 212 -35.32 3.82 24.08
N SER A 213 -34.26 3.02 24.20
CA SER A 213 -32.98 3.39 24.85
C SER A 213 -32.01 3.96 23.78
N THR A 214 -31.17 4.92 24.13
CA THR A 214 -30.07 5.37 23.25
C THR A 214 -28.80 4.60 23.63
N LEU A 215 -28.32 3.78 22.70
CA LEU A 215 -27.09 2.97 22.93
C LEU A 215 -25.91 3.59 22.16
N PHE A 216 -24.76 3.52 22.81
CA PHE A 216 -23.42 3.84 22.31
C PHE A 216 -22.66 2.52 22.24
N CYS A 217 -22.32 2.09 21.03
CA CYS A 217 -21.53 0.88 20.78
C CYS A 217 -20.16 1.27 20.22
N PHE A 218 -19.07 0.83 20.87
CA PHE A 218 -17.69 1.00 20.35
C PHE A 218 -16.84 -0.26 20.52
N ALA A 219 -15.90 -0.40 19.60
CA ALA A 219 -14.92 -1.49 19.49
C ALA A 219 -13.52 -0.88 19.49
N VAL A 220 -12.62 -1.54 20.17
CA VAL A 220 -11.24 -1.06 20.41
C VAL A 220 -10.35 -2.30 20.42
N ARG A 221 -9.20 -2.22 19.78
CA ARG A 221 -8.03 -3.03 20.14
C ARG A 221 -7.16 -2.20 21.07
N GLY A 222 -7.18 -2.49 22.37
CA GLY A 222 -6.18 -1.99 23.35
C GLY A 222 -4.99 -2.92 23.43
N GLN A 223 -4.15 -2.76 24.45
CA GLN A 223 -3.12 -3.79 24.80
C GLN A 223 -3.85 -4.89 25.57
N ALA A 224 -4.95 -4.54 26.27
CA ALA A 224 -5.95 -5.44 26.90
C ALA A 224 -6.56 -6.43 25.90
N GLY A 225 -6.32 -6.27 24.59
CA GLY A 225 -6.93 -7.08 23.53
C GLY A 225 -8.16 -6.40 22.94
N GLY A 226 -8.89 -7.11 22.07
CA GLY A 226 -10.13 -6.63 21.43
C GLY A 226 -11.29 -6.58 22.42
N LYS A 227 -12.02 -5.47 22.43
CA LYS A 227 -13.25 -5.30 23.24
C LYS A 227 -14.31 -4.57 22.42
N LEU A 228 -15.56 -5.00 22.59
CA LEU A 228 -16.79 -4.29 22.15
C LEU A 228 -17.65 -3.99 23.38
N HIS A 229 -18.13 -2.75 23.45
CA HIS A 229 -18.87 -2.17 24.57
C HIS A 229 -20.20 -1.70 24.02
N ILE A 230 -21.29 -1.97 24.75
CA ILE A 230 -22.65 -1.52 24.38
C ILE A 230 -23.24 -0.90 25.64
N ILE A 231 -23.41 0.42 25.63
CA ILE A 231 -23.69 1.23 26.84
C ILE A 231 -24.82 2.16 26.50
N GLU A 232 -25.79 2.28 27.41
CA GLU A 232 -26.83 3.33 27.33
C GLU A 232 -26.19 4.66 27.69
N VAL A 233 -26.47 5.72 26.93
CA VAL A 233 -26.00 7.10 27.24
C VAL A 233 -27.22 7.93 27.64
N GLY A 234 -27.04 8.84 28.58
CA GLY A 234 -28.15 9.67 29.07
C GLY A 234 -29.05 8.88 30.01
N THR A 235 -29.72 9.61 30.89
CA THR A 235 -30.76 9.13 31.82
C THR A 235 -31.78 8.33 31.04
N PRO A 236 -32.14 7.11 31.47
CA PRO A 236 -33.24 6.40 30.83
C PRO A 236 -34.48 7.29 30.81
N PRO A 237 -35.25 7.32 29.71
CA PRO A 237 -36.59 7.92 29.73
C PRO A 237 -37.38 7.46 30.97
N THR A 238 -38.22 8.34 31.52
CA THR A 238 -38.99 8.02 32.76
C THR A 238 -39.82 6.76 32.49
N GLY A 239 -39.91 5.88 33.49
CA GLY A 239 -40.66 4.63 33.40
C GLY A 239 -39.84 3.49 32.81
N ASN A 240 -38.79 3.80 32.04
CA ASN A 240 -37.92 2.79 31.38
C ASN A 240 -37.07 2.08 32.42
N GLN A 241 -36.84 0.77 32.25
CA GLN A 241 -35.67 0.12 32.90
C GLN A 241 -34.40 0.54 32.16
N PRO A 242 -33.27 0.70 32.87
CA PRO A 242 -31.98 0.98 32.26
C PRO A 242 -31.48 -0.22 31.47
N PHE A 243 -30.78 0.04 30.36
CA PHE A 243 -30.13 -1.00 29.55
C PHE A 243 -28.88 -1.44 30.27
N PRO A 244 -28.69 -2.74 30.56
CA PRO A 244 -27.46 -3.21 31.20
C PRO A 244 -26.27 -3.19 30.24
N LYS A 245 -25.18 -2.62 30.71
CA LYS A 245 -23.89 -2.45 29.99
C LYS A 245 -23.39 -3.82 29.51
N LYS A 246 -22.91 -3.91 28.28
CA LYS A 246 -22.28 -5.16 27.79
C LYS A 246 -20.83 -4.89 27.42
N ALA A 247 -19.96 -5.84 27.72
CA ALA A 247 -18.54 -5.87 27.33
C ALA A 247 -18.24 -7.29 26.83
N VAL A 248 -17.77 -7.43 25.60
CA VAL A 248 -17.39 -8.76 25.05
C VAL A 248 -16.04 -8.63 24.34
N ASP A 249 -15.40 -9.76 24.11
CA ASP A 249 -14.08 -9.84 23.47
C ASP A 249 -14.24 -9.65 21.98
N VAL A 250 -13.29 -9.00 21.35
CA VAL A 250 -13.20 -8.94 19.87
C VAL A 250 -11.95 -9.73 19.51
N PHE A 251 -12.13 -10.90 18.91
CA PHE A 251 -11.04 -11.85 18.59
C PHE A 251 -10.23 -11.32 17.38
N PHE A 252 -8.91 -11.29 17.53
CA PHE A 252 -7.94 -11.18 16.40
C PHE A 252 -7.07 -12.44 16.39
N PRO A 253 -6.96 -13.16 15.24
CA PRO A 253 -6.09 -14.32 15.17
C PRO A 253 -4.62 -13.91 15.26
N PRO A 254 -3.74 -14.90 15.52
CA PRO A 254 -2.32 -14.62 15.68
C PRO A 254 -1.66 -13.93 14.47
N GLU A 255 -2.06 -14.29 13.26
CA GLU A 255 -1.47 -13.74 12.01
C GLU A 255 -2.00 -12.32 11.72
N ALA A 256 -2.91 -11.79 12.55
CA ALA A 256 -3.51 -10.44 12.39
C ALA A 256 -3.21 -9.62 13.64
N GLN A 257 -1.98 -9.74 14.13
CA GLN A 257 -1.47 -9.05 15.33
C GLN A 257 -1.46 -7.52 15.10
N ASN A 258 -1.49 -7.06 13.85
CA ASN A 258 -1.44 -5.61 13.51
C ASN A 258 -2.82 -5.09 13.08
N ASP A 259 -3.85 -5.93 13.16
CA ASP A 259 -5.23 -5.55 12.72
C ASP A 259 -5.95 -4.77 13.83
N PHE A 260 -7.03 -4.08 13.46
CA PHE A 260 -7.83 -3.20 14.36
C PHE A 260 -9.15 -2.84 13.70
N PRO A 261 -10.20 -2.56 14.48
CA PRO A 261 -11.50 -2.26 13.90
C PRO A 261 -11.40 -0.91 13.15
N VAL A 262 -12.10 -0.78 12.01
CA VAL A 262 -12.12 0.48 11.21
C VAL A 262 -13.55 0.98 11.02
N ALA A 263 -14.56 0.12 11.02
CA ALA A 263 -15.93 0.53 10.67
C ALA A 263 -16.96 -0.29 11.45
N MET A 264 -18.04 0.38 11.82
CA MET A 264 -19.20 -0.26 12.49
C MET A 264 -20.48 0.29 11.89
N GLN A 265 -21.43 -0.57 11.52
CA GLN A 265 -22.83 -0.18 11.24
C GLN A 265 -23.74 -1.05 12.10
N ILE A 266 -24.80 -0.48 12.64
CA ILE A 266 -25.79 -1.28 13.42
C ILE A 266 -27.06 -1.38 12.59
N SER A 267 -27.56 -2.59 12.33
CA SER A 267 -28.90 -2.82 11.72
C SER A 267 -29.99 -2.63 12.78
N GLU A 268 -30.91 -1.68 12.61
CA GLU A 268 -32.04 -1.50 13.57
C GLU A 268 -33.13 -2.52 13.20
N LYS A 269 -33.12 -3.01 11.97
CA LYS A 269 -34.06 -4.07 11.55
C LYS A 269 -33.73 -5.37 12.30
N HIS A 270 -32.47 -5.75 12.39
CA HIS A 270 -32.05 -7.08 12.93
C HIS A 270 -31.44 -6.94 14.33
N ASP A 271 -31.17 -5.71 14.78
CA ASP A 271 -30.51 -5.42 16.08
C ASP A 271 -29.18 -6.16 16.13
N VAL A 272 -28.38 -6.06 15.06
CA VAL A 272 -27.03 -6.66 15.00
C VAL A 272 -26.01 -5.57 14.70
N VAL A 273 -24.79 -5.80 15.17
CA VAL A 273 -23.65 -4.88 14.94
C VAL A 273 -22.73 -5.53 13.92
N PHE A 274 -22.49 -4.87 12.79
CA PHE A 274 -21.44 -5.28 11.82
C PHE A 274 -20.16 -4.54 12.16
N LEU A 275 -19.07 -5.27 12.32
CA LEU A 275 -17.74 -4.68 12.56
C LEU A 275 -16.80 -5.14 11.45
N ILE A 276 -16.12 -4.18 10.82
CA ILE A 276 -15.08 -4.48 9.79
C ILE A 276 -13.71 -4.07 10.37
N THR A 277 -12.72 -4.93 10.21
CA THR A 277 -11.31 -4.63 10.58
C THR A 277 -10.53 -4.09 9.37
N LYS A 278 -9.46 -3.39 9.64
CA LYS A 278 -8.57 -2.77 8.63
C LYS A 278 -8.22 -3.81 7.58
N TYR A 279 -7.89 -5.03 7.99
CA TYR A 279 -7.32 -6.06 7.08
C TYR A 279 -8.37 -7.11 6.72
N GLY A 280 -9.64 -6.72 6.68
CA GLY A 280 -10.69 -7.44 5.92
C GLY A 280 -11.39 -8.54 6.70
N TYR A 281 -11.39 -8.50 8.03
CA TYR A 281 -12.27 -9.40 8.81
C TYR A 281 -13.63 -8.71 8.98
N ILE A 282 -14.70 -9.48 8.90
CA ILE A 282 -16.09 -9.05 9.20
C ILE A 282 -16.53 -9.77 10.47
N HIS A 283 -17.08 -9.07 11.45
CA HIS A 283 -17.71 -9.68 12.65
C HIS A 283 -19.18 -9.28 12.71
N LEU A 284 -20.01 -10.12 13.29
CA LEU A 284 -21.44 -9.82 13.54
C LEU A 284 -21.71 -10.05 15.01
N TYR A 285 -22.18 -9.04 15.74
CA TYR A 285 -22.57 -9.18 17.16
C TYR A 285 -24.03 -8.87 17.32
N ASP A 286 -24.68 -9.50 18.31
CA ASP A 286 -26.04 -9.17 18.75
C ASP A 286 -25.95 -7.84 19.49
N LEU A 287 -26.78 -6.87 19.16
CA LEU A 287 -26.79 -5.53 19.82
C LEU A 287 -27.25 -5.67 21.27
N GLU A 288 -28.18 -6.56 21.57
CA GLU A 288 -28.82 -6.66 22.92
C GLU A 288 -27.81 -7.20 23.93
N THR A 289 -27.07 -8.24 23.56
CA THR A 289 -26.17 -8.98 24.49
C THR A 289 -24.69 -8.82 24.16
N GLY A 290 -24.35 -8.40 22.95
CA GLY A 290 -22.95 -8.39 22.50
C GLY A 290 -22.47 -9.77 22.06
N THR A 291 -23.31 -10.80 22.09
CA THR A 291 -22.85 -12.16 21.70
C THR A 291 -22.29 -12.08 20.27
N CYS A 292 -21.08 -12.56 20.07
CA CYS A 292 -20.50 -12.75 18.72
C CYS A 292 -21.27 -13.87 18.00
N ILE A 293 -21.84 -13.55 16.86
CA ILE A 293 -22.64 -14.50 16.04
C ILE A 293 -21.75 -15.16 14.99
N TYR A 294 -20.82 -14.40 14.40
CA TYR A 294 -20.05 -14.83 13.22
C TYR A 294 -18.83 -13.94 13.01
N MET A 295 -17.73 -14.57 12.64
CA MET A 295 -16.51 -13.89 12.13
CA MET A 295 -16.50 -13.88 12.14
C MET A 295 -16.02 -14.64 10.89
N ASN A 296 -15.45 -13.90 9.94
CA ASN A 296 -14.76 -14.49 8.77
C ASN A 296 -13.94 -13.40 8.10
N ARG A 297 -13.13 -13.79 7.12
CA ARG A 297 -12.33 -12.86 6.31
C ARG A 297 -13.07 -12.60 5.01
N ILE A 298 -13.34 -11.35 4.69
CA ILE A 298 -13.78 -10.92 3.34
C ILE A 298 -12.58 -11.11 2.42
N SER A 299 -11.49 -10.41 2.72
CA SER A 299 -10.30 -10.26 1.85
C SER A 299 -9.10 -9.83 2.69
N GLY A 300 -7.94 -9.69 2.04
CA GLY A 300 -6.79 -8.94 2.57
C GLY A 300 -7.08 -7.45 2.56
N GLU A 301 -7.87 -7.02 1.54
CA GLU A 301 -8.16 -5.60 1.12
C GLU A 301 -8.78 -4.78 2.26
N THR A 302 -8.27 -3.55 2.40
CA THR A 302 -8.84 -2.46 3.25
C THR A 302 -10.11 -1.92 2.57
N ILE A 303 -11.27 -2.14 3.23
CA ILE A 303 -12.55 -1.39 2.99
C ILE A 303 -12.45 -0.09 3.78
N PHE A 304 -12.34 1.03 3.08
CA PHE A 304 -11.83 2.29 3.68
C PHE A 304 -12.99 3.26 3.90
N VAL A 305 -14.15 2.92 3.41
CA VAL A 305 -15.36 3.75 3.59
C VAL A 305 -16.57 2.83 3.63
N THR A 306 -17.51 3.13 4.53
CA THR A 306 -18.74 2.33 4.66
C THR A 306 -19.93 3.24 4.90
N ALA A 307 -21.11 2.75 4.55
CA ALA A 307 -22.41 3.38 4.84
C ALA A 307 -23.39 2.29 5.21
N PRO A 308 -24.54 2.66 5.81
CA PRO A 308 -25.66 1.73 5.92
C PRO A 308 -26.09 1.34 4.49
N HIS A 309 -26.39 0.07 4.28
CA HIS A 309 -27.10 -0.41 3.06
C HIS A 309 -28.61 -0.50 3.36
N GLU A 310 -29.35 0.51 2.95
CA GLU A 310 -30.79 0.69 3.26
C GLU A 310 -31.59 -0.56 2.84
N ALA A 311 -31.37 -1.06 1.62
CA ALA A 311 -32.17 -2.16 1.04
C ALA A 311 -32.18 -3.39 1.97
N THR A 312 -31.03 -3.73 2.56
CA THR A 312 -30.74 -5.03 3.24
C THR A 312 -30.58 -4.85 4.75
N ALA A 313 -30.73 -3.63 5.25
CA ALA A 313 -30.35 -3.21 6.62
C ALA A 313 -28.92 -3.63 6.92
N GLY A 314 -28.02 -3.50 5.94
CA GLY A 314 -26.63 -4.00 6.05
C GLY A 314 -25.61 -2.89 6.01
N ILE A 315 -24.42 -3.22 5.52
CA ILE A 315 -23.28 -2.30 5.43
C ILE A 315 -22.78 -2.40 4.00
N ILE A 316 -22.47 -1.26 3.40
CA ILE A 316 -21.88 -1.22 2.04
C ILE A 316 -20.56 -0.49 2.15
N GLY A 317 -19.59 -0.89 1.35
CA GLY A 317 -18.27 -0.26 1.40
C GLY A 317 -17.58 -0.28 0.05
N VAL A 318 -16.43 0.36 0.00
CA VAL A 318 -15.55 0.36 -1.20
C VAL A 318 -14.18 -0.03 -0.70
N ASN A 319 -13.52 -0.93 -1.41
CA ASN A 319 -12.11 -1.24 -1.09
C ASN A 319 -11.18 -0.55 -2.09
N ARG A 320 -9.87 -0.63 -1.85
CA ARG A 320 -8.82 0.10 -2.62
C ARG A 320 -8.80 -0.40 -4.07
N LYS A 321 -9.28 -1.61 -4.33
CA LYS A 321 -9.44 -2.10 -5.72
C LYS A 321 -10.58 -1.37 -6.46
N GLY A 322 -11.56 -0.82 -5.75
CA GLY A 322 -12.72 -0.19 -6.37
C GLY A 322 -13.95 -1.10 -6.39
N GLN A 323 -13.88 -2.22 -5.67
CA GLN A 323 -15.03 -3.11 -5.46
C GLN A 323 -16.00 -2.42 -4.47
N VAL A 324 -17.24 -2.27 -4.89
CA VAL A 324 -18.34 -1.80 -4.03
C VAL A 324 -19.09 -3.04 -3.56
N LEU A 325 -18.95 -3.34 -2.28
CA LEU A 325 -19.35 -4.62 -1.69
C LEU A 325 -20.33 -4.36 -0.53
N SER A 326 -21.39 -5.16 -0.41
CA SER A 326 -22.32 -5.08 0.75
C SER A 326 -22.33 -6.41 1.51
N VAL A 327 -22.66 -6.32 2.78
CA VAL A 327 -22.86 -7.47 3.70
C VAL A 327 -24.15 -7.21 4.43
N CYS A 328 -25.01 -8.21 4.50
CA CYS A 328 -26.23 -8.11 5.33
C CYS A 328 -26.47 -9.44 6.00
N VAL A 329 -27.39 -9.44 6.96
CA VAL A 329 -27.96 -10.67 7.55
C VAL A 329 -28.61 -11.46 6.42
N GLU A 330 -28.34 -12.77 6.38
CA GLU A 330 -29.10 -13.72 5.53
C GLU A 330 -30.34 -14.14 6.35
N GLU A 331 -31.50 -13.58 6.03
CA GLU A 331 -32.72 -13.68 6.88
C GLU A 331 -33.19 -15.12 7.00
N GLU A 332 -32.85 -15.97 6.02
CA GLU A 332 -33.33 -17.38 5.97
C GLU A 332 -32.40 -18.31 6.76
N ASN A 333 -31.15 -17.92 7.01
CA ASN A 333 -30.10 -18.81 7.56
C ASN A 333 -29.70 -18.41 8.99
N ILE A 334 -29.94 -17.17 9.40
CA ILE A 334 -29.27 -16.69 10.65
C ILE A 334 -29.82 -17.50 11.84
N ILE A 335 -31.13 -17.74 11.92
CA ILE A 335 -31.69 -18.46 13.11
C ILE A 335 -31.20 -19.93 13.11
N PRO A 336 -31.35 -20.73 12.02
CA PRO A 336 -30.72 -22.05 11.96
C PRO A 336 -29.22 -22.05 12.28
N TYR A 337 -28.50 -21.04 11.79
CA TYR A 337 -27.05 -20.93 12.04
C TYR A 337 -26.79 -20.78 13.54
N ILE A 338 -27.54 -19.89 14.20
CA ILE A 338 -27.32 -19.68 15.66
C ILE A 338 -27.75 -20.93 16.45
N THR A 339 -28.81 -21.62 16.03
CA THR A 339 -29.28 -22.85 16.73
C THR A 339 -28.28 -23.98 16.54
N ASN A 340 -27.87 -24.24 15.30
CA ASN A 340 -27.16 -25.48 14.92
C ASN A 340 -25.65 -25.24 15.01
N VAL A 341 -25.11 -24.26 14.28
CA VAL A 341 -23.64 -24.04 14.23
C VAL A 341 -23.16 -23.43 15.55
N LEU A 342 -23.76 -22.33 16.01
CA LEU A 342 -23.33 -21.68 17.28
C LEU A 342 -23.83 -22.49 18.47
N GLN A 343 -24.81 -23.35 18.24
CA GLN A 343 -25.49 -24.13 19.32
C GLN A 343 -25.95 -23.18 20.42
N ASN A 344 -26.62 -22.09 20.07
CA ASN A 344 -27.14 -21.11 21.06
C ASN A 344 -28.64 -20.97 20.83
N PRO A 345 -29.44 -21.97 21.27
CA PRO A 345 -30.89 -21.94 21.03
C PRO A 345 -31.52 -20.75 21.76
N ASP A 346 -30.94 -20.30 22.87
CA ASP A 346 -31.47 -19.12 23.62
C ASP A 346 -31.46 -17.88 22.74
N LEU A 347 -30.27 -17.53 22.23
CA LEU A 347 -30.07 -16.36 21.37
C LEU A 347 -30.94 -16.53 20.13
N ALA A 348 -30.93 -17.72 19.54
CA ALA A 348 -31.68 -18.00 18.29
C ALA A 348 -33.15 -17.65 18.50
N LEU A 349 -33.73 -18.12 19.60
CA LEU A 349 -35.18 -17.96 19.88
C LEU A 349 -35.46 -16.49 20.17
N ARG A 350 -34.64 -15.82 20.97
CA ARG A 350 -34.77 -14.36 21.22
C ARG A 350 -34.77 -13.60 19.88
N MET A 351 -33.78 -13.84 19.03
CA MET A 351 -33.63 -13.08 17.77
C MET A 351 -34.79 -13.41 16.84
N ALA A 352 -35.27 -14.65 16.85
CA ALA A 352 -36.36 -15.11 15.94
C ALA A 352 -37.62 -14.30 16.21
N VAL A 353 -37.99 -14.04 17.48
CA VAL A 353 -39.27 -13.33 17.80
C VAL A 353 -39.01 -11.80 17.82
N ARG A 354 -37.83 -11.37 18.26
CA ARG A 354 -37.48 -9.92 18.36
C ARG A 354 -37.51 -9.26 16.98
N ASN A 355 -36.98 -9.92 15.97
CA ASN A 355 -36.77 -9.35 14.61
C ASN A 355 -37.57 -10.18 13.59
N ASN A 356 -38.55 -10.94 14.06
CA ASN A 356 -39.56 -11.59 13.19
C ASN A 356 -38.87 -12.38 12.07
N LEU A 357 -37.98 -13.29 12.42
CA LEU A 357 -37.26 -14.17 11.45
C LEU A 357 -37.74 -15.62 11.61
N ALA A 358 -37.42 -16.46 10.61
CA ALA A 358 -37.87 -17.87 10.47
C ALA A 358 -36.77 -18.86 10.91
N GLY A 359 -37.16 -19.92 11.62
CA GLY A 359 -36.29 -21.09 11.90
C GLY A 359 -36.28 -21.58 13.33
N ALA A 360 -36.91 -20.87 14.29
CA ALA A 360 -36.92 -21.23 15.74
C ALA A 360 -38.17 -22.05 16.12
N GLU A 361 -38.92 -22.49 15.09
CA GLU A 361 -39.96 -23.57 15.14
C GLU A 361 -39.25 -24.90 15.43
N GLU A 362 -38.05 -25.09 14.86
CA GLU A 362 -37.20 -26.31 14.97
C GLU A 362 -35.91 -25.99 15.74
N LEU A 363 -35.98 -26.01 17.08
CA LEU A 363 -34.83 -25.94 18.02
C LEU A 363 -34.48 -27.34 18.55
N GLN B 3 13.37 22.75 3.36
CA GLN B 3 12.24 21.76 3.48
C GLN B 3 12.77 20.33 3.38
N ILE B 4 12.26 19.45 4.25
CA ILE B 4 12.74 18.06 4.49
C ILE B 4 12.57 17.23 3.20
N LEU B 5 13.44 16.24 3.01
CA LEU B 5 13.36 15.25 1.91
C LEU B 5 13.16 13.88 2.53
N PRO B 6 12.39 12.97 1.89
CA PRO B 6 12.18 11.63 2.46
C PRO B 6 13.34 10.69 2.18
N ILE B 7 14.32 11.13 1.38
CA ILE B 7 15.53 10.35 1.04
C ILE B 7 16.77 11.12 1.45
N ARG B 8 17.88 10.40 1.62
CA ARG B 8 19.25 10.92 1.81
C ARG B 8 20.18 10.41 0.69
N PHE B 9 20.96 11.32 0.09
CA PHE B 9 22.08 11.01 -0.82
C PHE B 9 23.38 10.97 -0.04
N GLN B 10 24.32 10.15 -0.49
CA GLN B 10 25.68 10.10 0.10
C GLN B 10 26.68 9.75 -1.01
N GLU B 11 27.76 10.50 -1.07
CA GLU B 11 28.91 10.19 -1.96
C GLU B 11 29.92 9.40 -1.12
N HIS B 12 30.27 8.20 -1.58
CA HIS B 12 31.14 7.28 -0.82
C HIS B 12 32.56 7.39 -1.36
N LEU B 13 32.72 7.70 -2.63
CA LEU B 13 34.03 7.61 -3.32
C LEU B 13 33.95 8.32 -4.66
N GLN B 14 35.11 8.78 -5.13
CA GLN B 14 35.36 9.10 -6.56
C GLN B 14 36.47 8.17 -7.05
N LEU B 15 36.17 7.26 -7.98
CA LEU B 15 37.15 6.26 -8.45
C LEU B 15 38.32 6.92 -9.18
N GLN B 16 38.20 8.15 -9.67
CA GLN B 16 39.36 8.81 -10.35
C GLN B 16 40.39 9.21 -9.30
N ASN B 17 39.96 9.55 -8.07
CA ASN B 17 40.90 9.81 -6.94
C ASN B 17 41.66 8.55 -6.53
N LEU B 18 41.38 7.37 -7.12
CA LEU B 18 42.05 6.11 -6.75
C LEU B 18 42.88 5.58 -7.91
N GLY B 19 43.12 6.39 -8.93
CA GLY B 19 43.95 5.99 -10.08
C GLY B 19 43.16 5.23 -11.13
N ILE B 20 41.83 5.16 -11.00
CA ILE B 20 41.00 4.50 -12.05
C ILE B 20 40.87 5.46 -13.23
N ASN B 21 41.26 4.97 -14.40
CA ASN B 21 41.09 5.62 -15.72
C ASN B 21 39.61 5.68 -16.07
N PRO B 22 39.05 6.88 -16.36
CA PRO B 22 37.63 7.00 -16.70
C PRO B 22 37.19 6.19 -17.93
N ALA B 23 38.11 5.80 -18.80
CA ALA B 23 37.83 4.98 -20.01
C ALA B 23 37.37 3.57 -19.60
N ASN B 24 37.70 3.11 -18.40
CA ASN B 24 37.30 1.77 -17.90
C ASN B 24 36.10 1.87 -16.96
N ILE B 25 35.53 3.07 -16.79
CA ILE B 25 34.37 3.23 -15.87
C ILE B 25 33.09 3.10 -16.70
N GLY B 26 32.66 1.87 -16.92
CA GLY B 26 31.50 1.54 -17.79
C GLY B 26 30.96 0.14 -17.54
N PHE B 27 29.82 -0.16 -18.13
CA PHE B 27 29.02 -1.39 -17.94
C PHE B 27 29.86 -2.65 -18.16
N SER B 28 30.67 -2.68 -19.21
CA SER B 28 31.38 -3.91 -19.63
C SER B 28 32.68 -4.12 -18.81
N THR B 29 33.22 -3.08 -18.16
CA THR B 29 34.57 -3.15 -17.51
C THR B 29 34.53 -2.96 -15.99
N LEU B 30 33.45 -2.42 -15.42
CA LEU B 30 33.36 -2.16 -13.97
C LEU B 30 32.15 -2.93 -13.46
N THR B 31 32.35 -3.80 -12.47
CA THR B 31 31.26 -4.56 -11.84
C THR B 31 31.16 -4.24 -10.35
N MET B 32 29.94 -4.25 -9.84
CA MET B 32 29.68 -3.99 -8.41
C MET B 32 28.50 -4.88 -8.03
N GLU B 33 28.81 -6.08 -7.54
CA GLU B 33 27.83 -7.18 -7.44
C GLU B 33 27.11 -7.04 -6.10
N SER B 34 27.67 -6.25 -5.20
CA SER B 34 27.14 -5.89 -3.86
C SER B 34 27.84 -4.59 -3.45
N ASP B 35 27.55 -4.08 -2.27
CA ASP B 35 28.13 -2.79 -1.82
C ASP B 35 29.51 -3.03 -1.20
N LYS B 36 30.03 -4.26 -1.19
CA LYS B 36 31.28 -4.58 -0.47
C LYS B 36 32.49 -4.41 -1.39
N PHE B 37 32.34 -4.58 -2.70
CA PHE B 37 33.49 -4.50 -3.63
C PHE B 37 33.08 -3.88 -4.96
N ILE B 38 34.06 -3.25 -5.59
CA ILE B 38 34.02 -2.81 -7.01
C ILE B 38 35.22 -3.43 -7.70
N CYS B 39 35.00 -4.06 -8.85
CA CYS B 39 36.10 -4.57 -9.73
C CYS B 39 36.14 -3.78 -11.03
N ILE B 40 37.33 -3.39 -11.45
CA ILE B 40 37.55 -2.69 -12.74
C ILE B 40 38.64 -3.42 -13.51
N ARG B 41 38.33 -3.87 -14.72
CA ARG B 41 39.31 -4.38 -15.70
C ARG B 41 39.97 -3.19 -16.41
N GLU B 42 41.31 -3.13 -16.35
CA GLU B 42 42.14 -2.09 -17.03
C GLU B 42 43.28 -2.78 -17.79
N LYS B 43 43.64 -2.27 -18.97
CA LYS B 43 44.92 -2.60 -19.67
C LYS B 43 45.92 -1.52 -19.30
N VAL B 44 46.94 -1.85 -18.52
CA VAL B 44 48.00 -0.92 -18.03
C VAL B 44 49.30 -1.34 -18.71
N GLY B 45 49.76 -0.56 -19.69
CA GLY B 45 50.76 -1.00 -20.68
C GLY B 45 50.19 -2.12 -21.53
N GLU B 46 50.91 -3.24 -21.60
CA GLU B 46 50.51 -4.49 -22.31
C GLU B 46 49.55 -5.31 -21.44
N GLN B 47 49.60 -5.11 -20.11
CA GLN B 47 49.08 -6.08 -19.12
C GLN B 47 47.63 -5.75 -18.73
N ALA B 48 46.69 -6.59 -19.16
CA ALA B 48 45.32 -6.63 -18.61
C ALA B 48 45.40 -6.83 -17.09
N GLN B 49 44.79 -5.95 -16.31
CA GLN B 49 44.75 -6.07 -14.83
C GLN B 49 43.30 -6.09 -14.35
N VAL B 50 43.05 -6.59 -13.14
CA VAL B 50 41.80 -6.28 -12.38
C VAL B 50 42.19 -5.45 -11.16
N VAL B 51 41.44 -4.40 -10.92
CA VAL B 51 41.57 -3.51 -9.74
C VAL B 51 40.42 -3.84 -8.80
N ILE B 52 40.73 -4.26 -7.59
CA ILE B 52 39.69 -4.67 -6.61
C ILE B 52 39.65 -3.62 -5.51
N ILE B 53 38.57 -2.88 -5.46
CA ILE B 53 38.31 -1.89 -4.37
C ILE B 53 37.46 -2.55 -3.31
N ASP B 54 38.07 -2.76 -2.16
CA ASP B 54 37.40 -3.14 -0.90
C ASP B 54 36.75 -1.88 -0.33
N MET B 55 35.42 -1.85 -0.27
CA MET B 55 34.65 -0.67 0.16
C MET B 55 34.88 -0.40 1.65
N ASN B 56 35.33 -1.39 2.43
CA ASN B 56 35.73 -1.15 3.84
C ASN B 56 37.15 -0.62 3.95
N ASP B 57 37.92 -0.60 2.86
CA ASP B 57 39.33 -0.11 2.83
C ASP B 57 39.64 0.44 1.44
N PRO B 58 38.90 1.47 1.00
CA PRO B 58 38.94 1.91 -0.39
C PRO B 58 40.31 2.48 -0.82
N SER B 59 41.05 3.06 0.12
CA SER B 59 42.36 3.72 -0.10
C SER B 59 43.38 2.78 -0.75
N ASN B 60 43.28 1.47 -0.50
CA ASN B 60 44.28 0.46 -0.90
C ASN B 60 43.71 -0.50 -1.97
N PRO B 61 43.38 0.00 -3.19
CA PRO B 61 42.90 -0.82 -4.30
C PRO B 61 44.06 -1.79 -4.55
N ILE B 62 43.80 -3.06 -4.79
CA ILE B 62 44.91 -3.97 -5.17
C ILE B 62 44.74 -4.36 -6.64
N ARG B 63 45.84 -4.38 -7.40
CA ARG B 63 45.86 -4.71 -8.86
C ARG B 63 46.54 -6.05 -9.05
N ARG B 64 45.94 -6.92 -9.86
CA ARG B 64 46.49 -8.26 -10.21
CA ARG B 64 46.51 -8.26 -10.21
C ARG B 64 46.42 -8.43 -11.71
N PRO B 65 47.44 -9.03 -12.37
CA PRO B 65 47.33 -9.35 -13.80
C PRO B 65 46.18 -10.34 -14.05
N ILE B 66 45.48 -10.22 -15.18
CA ILE B 66 44.43 -11.19 -15.60
C ILE B 66 44.53 -11.42 -17.10
N SER B 67 43.90 -12.50 -17.58
CA SER B 67 43.62 -12.77 -19.01
C SER B 67 42.12 -13.09 -19.15
N ALA B 68 41.30 -12.62 -18.21
CA ALA B 68 39.81 -12.78 -18.21
C ALA B 68 39.14 -11.64 -19.00
N ASP B 69 38.07 -11.94 -19.73
CA ASP B 69 37.24 -10.91 -20.44
C ASP B 69 36.21 -10.33 -19.47
N SER B 70 36.09 -10.87 -18.26
CA SER B 70 35.03 -10.45 -17.32
C SER B 70 35.39 -10.95 -15.93
N ALA B 71 35.08 -10.12 -14.93
CA ALA B 71 35.39 -10.33 -13.51
C ALA B 71 34.20 -9.90 -12.66
N ILE B 72 33.72 -10.78 -11.79
CA ILE B 72 32.62 -10.41 -10.85
C ILE B 72 32.92 -10.95 -9.46
N MET B 73 32.92 -10.05 -8.49
CA MET B 73 33.23 -10.40 -7.08
C MET B 73 31.98 -10.97 -6.45
N ASN B 74 32.15 -12.03 -5.67
CA ASN B 74 31.10 -12.55 -4.77
C ASN B 74 30.53 -11.39 -3.96
N PRO B 75 29.21 -11.39 -3.66
CA PRO B 75 28.62 -10.34 -2.84
C PRO B 75 29.22 -10.15 -1.45
N ALA B 76 29.75 -11.21 -0.81
CA ALA B 76 30.06 -11.20 0.65
C ALA B 76 31.53 -11.51 0.95
N SER B 77 32.22 -12.21 0.07
CA SER B 77 33.57 -12.75 0.31
C SER B 77 34.49 -12.31 -0.82
N LYS B 78 35.79 -12.23 -0.56
CA LYS B 78 36.81 -11.94 -1.58
C LYS B 78 37.02 -13.19 -2.44
N VAL B 79 35.97 -13.60 -3.13
CA VAL B 79 35.91 -14.76 -4.06
C VAL B 79 35.52 -14.17 -5.41
N ILE B 80 36.34 -14.33 -6.42
CA ILE B 80 36.10 -13.69 -7.72
C ILE B 80 35.80 -14.77 -8.75
N ALA B 81 34.80 -14.53 -9.61
CA ALA B 81 34.53 -15.34 -10.81
C ALA B 81 35.20 -14.66 -11.99
N LEU B 82 35.93 -15.40 -12.80
CA LEU B 82 36.65 -14.91 -14.00
C LEU B 82 36.27 -15.75 -15.19
N LYS B 83 36.14 -15.17 -16.37
CA LYS B 83 35.94 -16.02 -17.56
C LYS B 83 36.72 -15.44 -18.74
N ALA B 84 36.97 -16.32 -19.71
CA ALA B 84 37.54 -15.98 -21.04
C ALA B 84 36.86 -16.94 -22.01
N GLY B 85 35.89 -16.44 -22.79
CA GLY B 85 35.06 -17.26 -23.69
C GLY B 85 34.24 -18.27 -22.91
N LYS B 86 34.58 -19.57 -23.04
CA LYS B 86 33.86 -20.72 -22.42
C LYS B 86 34.49 -21.10 -21.09
N THR B 87 35.71 -20.64 -20.84
CA THR B 87 36.50 -20.92 -19.62
C THR B 87 35.97 -20.09 -18.45
N LEU B 88 35.41 -20.76 -17.44
CA LEU B 88 35.02 -20.16 -16.14
C LEU B 88 35.94 -20.66 -15.02
N GLN B 89 36.42 -19.75 -14.16
CA GLN B 89 37.23 -20.10 -12.97
C GLN B 89 36.78 -19.24 -11.79
N ILE B 90 36.77 -19.81 -10.60
CA ILE B 90 36.41 -19.10 -9.33
C ILE B 90 37.66 -19.13 -8.47
N PHE B 91 38.11 -17.98 -7.96
CA PHE B 91 39.28 -17.93 -7.04
C PHE B 91 38.89 -17.33 -5.70
N ASN B 92 39.43 -17.93 -4.62
CA ASN B 92 39.44 -17.26 -3.30
C ASN B 92 40.75 -16.45 -3.31
N ILE B 93 40.66 -15.13 -3.26
CA ILE B 93 41.83 -14.22 -3.49
C ILE B 93 42.79 -14.33 -2.30
N GLU B 94 42.26 -14.25 -1.07
CA GLU B 94 43.05 -14.28 0.18
C GLU B 94 43.77 -15.65 0.25
N MET B 95 43.18 -16.72 -0.28
CA MET B 95 43.82 -18.07 -0.30
C MET B 95 44.66 -18.27 -1.57
N LYS B 96 44.59 -17.37 -2.54
CA LYS B 96 45.37 -17.47 -3.81
C LYS B 96 45.11 -18.83 -4.45
N SER B 97 43.87 -19.25 -4.45
CA SER B 97 43.46 -20.64 -4.74
C SER B 97 42.26 -20.68 -5.68
N LYS B 98 42.35 -21.51 -6.71
CA LYS B 98 41.25 -21.81 -7.66
C LYS B 98 40.26 -22.78 -7.03
N MET B 99 39.08 -22.30 -6.61
CA MET B 99 38.02 -23.07 -5.91
CA MET B 99 38.11 -23.15 -5.88
C MET B 99 37.36 -24.04 -6.90
N LYS B 100 37.08 -23.56 -8.12
CA LYS B 100 36.46 -24.40 -9.17
C LYS B 100 36.69 -23.82 -10.55
N ALA B 101 36.35 -24.64 -11.54
CA ALA B 101 36.57 -24.35 -12.97
C ALA B 101 35.50 -25.13 -13.74
N HIS B 102 35.05 -24.60 -14.85
CA HIS B 102 34.12 -25.30 -15.75
C HIS B 102 34.33 -24.73 -17.14
N THR B 103 34.32 -25.58 -18.15
CA THR B 103 34.30 -25.12 -19.56
C THR B 103 32.87 -25.30 -20.08
N MET B 104 32.20 -24.21 -20.44
CA MET B 104 30.85 -24.21 -21.07
C MET B 104 30.98 -24.66 -22.53
N THR B 105 29.90 -25.15 -23.14
CA THR B 105 29.90 -25.47 -24.60
C THR B 105 29.69 -24.18 -25.40
N ASP B 106 29.08 -23.15 -24.80
CA ASP B 106 28.76 -21.86 -25.47
C ASP B 106 29.36 -20.70 -24.66
N ASP B 107 29.78 -19.62 -25.33
CA ASP B 107 30.22 -18.36 -24.69
C ASP B 107 29.14 -17.85 -23.73
N VAL B 108 29.58 -17.39 -22.57
CA VAL B 108 28.73 -16.71 -21.58
C VAL B 108 28.79 -15.23 -21.90
N THR B 109 27.68 -14.61 -22.30
CA THR B 109 27.63 -13.19 -22.73
C THR B 109 27.29 -12.30 -21.53
N PHE B 110 26.71 -12.86 -20.47
CA PHE B 110 26.31 -12.08 -19.27
C PHE B 110 26.31 -13.03 -18.07
N TRP B 111 26.80 -12.54 -16.93
CA TRP B 111 26.79 -13.34 -15.69
C TRP B 111 26.83 -12.42 -14.49
N LYS B 112 26.39 -12.93 -13.37
CA LYS B 112 26.33 -12.15 -12.11
C LYS B 112 26.07 -13.11 -10.97
N TRP B 113 26.38 -12.67 -9.78
CA TRP B 113 26.03 -13.39 -8.52
C TRP B 113 24.57 -13.09 -8.23
N ILE B 114 23.74 -14.13 -8.14
CA ILE B 114 22.31 -13.98 -7.76
C ILE B 114 22.13 -14.28 -6.28
N SER B 115 23.17 -14.76 -5.60
CA SER B 115 23.12 -15.06 -4.15
C SER B 115 24.54 -15.10 -3.58
N LEU B 116 24.64 -15.40 -2.29
CA LEU B 116 25.95 -15.55 -1.61
C LEU B 116 26.73 -16.70 -2.26
N ASN B 117 26.07 -17.67 -2.89
CA ASN B 117 26.80 -18.87 -3.36
C ASN B 117 26.48 -19.26 -4.80
N THR B 118 25.66 -18.51 -5.55
CA THR B 118 25.25 -18.96 -6.91
C THR B 118 25.58 -17.92 -7.97
N VAL B 119 26.27 -18.33 -9.03
CA VAL B 119 26.50 -17.48 -10.22
C VAL B 119 25.44 -17.85 -11.24
N ALA B 120 24.79 -16.85 -11.85
CA ALA B 120 23.91 -17.05 -13.01
C ALA B 120 24.72 -16.78 -14.28
N LEU B 121 24.61 -17.67 -15.25
CA LEU B 121 25.28 -17.55 -16.58
C LEU B 121 24.22 -17.48 -17.67
N VAL B 122 24.44 -16.62 -18.65
CA VAL B 122 23.53 -16.44 -19.81
C VAL B 122 24.37 -16.64 -21.06
N THR B 123 23.99 -17.62 -21.88
CA THR B 123 24.61 -17.82 -23.19
C THR B 123 23.69 -17.15 -24.21
N ASP B 124 24.02 -17.29 -25.48
CA ASP B 124 23.12 -16.88 -26.58
CA ASP B 124 23.13 -16.88 -26.59
C ASP B 124 21.79 -17.65 -26.47
N ASN B 125 21.77 -18.83 -25.83
CA ASN B 125 20.51 -19.61 -25.98
CA ASN B 125 20.71 -19.86 -25.96
C ASN B 125 19.96 -20.14 -24.65
N ALA B 126 20.63 -19.96 -23.51
CA ALA B 126 20.06 -20.47 -22.24
C ALA B 126 20.61 -19.75 -21.02
N VAL B 127 19.98 -20.05 -19.89
CA VAL B 127 20.35 -19.47 -18.58
C VAL B 127 20.68 -20.64 -17.65
N TYR B 128 21.80 -20.50 -16.94
CA TYR B 128 22.33 -21.54 -16.02
C TYR B 128 22.49 -20.97 -14.61
N HIS B 129 22.34 -21.83 -13.59
CA HIS B 129 22.76 -21.51 -12.22
C HIS B 129 23.98 -22.38 -11.87
N TRP B 130 24.98 -21.78 -11.23
CA TRP B 130 26.23 -22.48 -10.84
C TRP B 130 26.45 -22.28 -9.35
N SER B 131 26.10 -23.27 -8.55
CA SER B 131 26.33 -23.28 -7.10
C SER B 131 27.84 -23.47 -6.82
N MET B 132 28.36 -22.71 -5.87
CA MET B 132 29.75 -22.83 -5.39
C MET B 132 29.87 -23.98 -4.38
N GLU B 133 28.78 -24.60 -3.91
CA GLU B 133 28.84 -25.74 -2.95
C GLU B 133 29.43 -26.98 -3.64
N GLY B 134 30.39 -27.64 -2.98
CA GLY B 134 30.92 -28.94 -3.43
C GLY B 134 31.35 -28.94 -4.89
N GLU B 135 30.96 -29.99 -5.63
CA GLU B 135 31.44 -30.24 -7.02
C GLU B 135 30.38 -29.82 -8.04
N SER B 136 29.37 -29.06 -7.62
CA SER B 136 28.28 -28.54 -8.50
C SER B 136 28.87 -27.93 -9.79
N GLN B 137 28.31 -28.33 -10.93
CA GLN B 137 28.52 -27.70 -12.24
C GLN B 137 27.32 -26.82 -12.57
N PRO B 138 27.46 -25.94 -13.59
CA PRO B 138 26.32 -25.14 -14.04
C PRO B 138 25.14 -26.02 -14.46
N VAL B 139 23.96 -25.71 -13.95
CA VAL B 139 22.67 -26.37 -14.30
C VAL B 139 21.88 -25.44 -15.22
N LYS B 140 21.49 -25.92 -16.40
CA LYS B 140 20.57 -25.17 -17.31
C LYS B 140 19.18 -25.08 -16.65
N MET B 141 18.74 -23.86 -16.38
CA MET B 141 17.45 -23.60 -15.70
C MET B 141 16.30 -23.53 -16.72
N PHE B 142 16.53 -22.81 -17.83
CA PHE B 142 15.56 -22.59 -18.94
C PHE B 142 16.31 -22.17 -20.20
N ASP B 143 15.67 -22.38 -21.34
CA ASP B 143 16.15 -21.92 -22.66
C ASP B 143 15.60 -20.51 -22.91
N ARG B 144 16.38 -19.68 -23.57
CA ARG B 144 16.00 -18.27 -23.83
C ARG B 144 14.81 -18.23 -24.77
N HIS B 145 13.90 -17.29 -24.52
CA HIS B 145 12.74 -16.97 -25.38
C HIS B 145 13.20 -16.14 -26.59
N SER B 146 12.61 -16.41 -27.76
CA SER B 146 12.98 -15.80 -29.07
C SER B 146 12.79 -14.29 -28.99
N SER B 147 11.92 -13.80 -28.09
CA SER B 147 11.65 -12.35 -27.94
C SER B 147 12.89 -11.61 -27.45
N LEU B 148 13.88 -12.28 -26.86
CA LEU B 148 15.12 -11.59 -26.39
C LEU B 148 16.25 -11.79 -27.43
N ALA B 149 15.98 -12.44 -28.56
CA ALA B 149 17.04 -12.74 -29.55
C ALA B 149 17.68 -11.44 -30.06
N GLY B 150 18.99 -11.29 -30.01
CA GLY B 150 19.65 -10.04 -30.45
C GLY B 150 19.45 -8.86 -29.51
N CYS B 151 18.90 -9.04 -28.30
CA CYS B 151 18.93 -7.97 -27.28
C CYS B 151 20.34 -7.93 -26.67
N GLN B 152 20.74 -6.79 -26.13
CA GLN B 152 21.83 -6.70 -25.15
C GLN B 152 21.24 -7.15 -23.81
N ILE B 153 21.79 -8.19 -23.22
CA ILE B 153 21.30 -8.66 -21.90
C ILE B 153 21.84 -7.67 -20.87
N ILE B 154 20.98 -7.11 -20.02
CA ILE B 154 21.40 -6.09 -19.02
C ILE B 154 21.13 -6.56 -17.59
N ASN B 155 20.29 -7.56 -17.39
CA ASN B 155 20.07 -8.01 -15.99
C ASN B 155 19.45 -9.41 -15.98
N TYR B 156 19.55 -10.04 -14.82
CA TYR B 156 18.96 -11.34 -14.47
C TYR B 156 18.69 -11.31 -12.98
N ARG B 157 17.48 -11.62 -12.55
CA ARG B 157 17.15 -11.59 -11.11
C ARG B 157 16.19 -12.73 -10.79
N THR B 158 16.15 -13.12 -9.53
CA THR B 158 15.29 -14.21 -9.02
C THR B 158 14.62 -13.75 -7.74
N ASP B 159 13.56 -14.45 -7.35
CA ASP B 159 12.95 -14.29 -6.03
C ASP B 159 13.87 -14.97 -5.04
N ALA B 160 13.61 -14.80 -3.75
CA ALA B 160 14.46 -15.33 -2.65
C ALA B 160 14.61 -16.85 -2.80
N LYS B 161 13.57 -17.56 -3.21
CA LYS B 161 13.52 -19.04 -3.23
C LYS B 161 13.97 -19.57 -4.59
N GLN B 162 14.29 -18.71 -5.55
CA GLN B 162 14.83 -19.11 -6.86
C GLN B 162 13.80 -20.01 -7.57
N LYS B 163 12.53 -19.64 -7.45
CA LYS B 163 11.37 -20.26 -8.14
C LYS B 163 10.89 -19.39 -9.32
N TRP B 164 11.21 -18.11 -9.31
CA TRP B 164 10.84 -17.12 -10.35
C TRP B 164 12.12 -16.44 -10.85
N LEU B 165 12.39 -16.56 -12.14
CA LEU B 165 13.66 -16.14 -12.77
C LEU B 165 13.34 -15.08 -13.84
N LEU B 166 14.03 -13.96 -13.85
CA LEU B 166 13.71 -12.88 -14.82
C LEU B 166 14.95 -12.44 -15.57
N LEU B 167 14.96 -12.66 -16.87
CA LEU B 167 16.08 -12.26 -17.78
C LEU B 167 15.68 -11.00 -18.53
N THR B 168 16.48 -9.95 -18.52
CA THR B 168 16.12 -8.65 -19.17
C THR B 168 17.13 -8.30 -20.26
N GLY B 169 16.62 -7.97 -21.44
CA GLY B 169 17.41 -7.46 -22.57
C GLY B 169 16.79 -6.20 -23.14
N ILE B 170 17.57 -5.43 -23.88
CA ILE B 170 17.14 -4.16 -24.50
C ILE B 170 17.64 -4.12 -25.93
N SER B 171 16.92 -3.40 -26.76
CA SER B 171 17.31 -3.16 -28.17
C SER B 171 16.68 -1.84 -28.64
N ALA B 172 17.15 -1.37 -29.80
CA ALA B 172 16.62 -0.17 -30.52
C ALA B 172 15.46 -0.62 -31.40
N GLN B 173 14.27 -0.08 -31.17
CA GLN B 173 13.07 -0.37 -31.99
C GLN B 173 12.30 0.92 -32.22
N GLN B 174 12.18 1.33 -33.48
CA GLN B 174 11.52 2.59 -33.86
C GLN B 174 12.10 3.70 -32.97
N ASN B 175 13.42 3.79 -32.94
CA ASN B 175 14.15 4.92 -32.30
C ASN B 175 13.81 5.08 -30.82
N ARG B 176 13.52 4.00 -30.12
CA ARG B 176 13.57 4.04 -28.63
C ARG B 176 14.18 2.74 -28.09
N VAL B 177 14.61 2.81 -26.84
CA VAL B 177 15.18 1.62 -26.14
C VAL B 177 13.99 0.82 -25.61
N VAL B 178 13.71 -0.32 -26.24
CA VAL B 178 12.62 -1.25 -25.83
C VAL B 178 13.20 -2.38 -24.97
N GLY B 179 12.64 -2.54 -23.76
CA GLY B 179 12.94 -3.65 -22.84
C GLY B 179 12.16 -4.91 -23.14
N ALA B 180 12.85 -6.05 -23.22
CA ALA B 180 12.26 -7.39 -23.42
C ALA B 180 12.62 -8.28 -22.22
N MET B 181 11.63 -8.69 -21.43
CA MET B 181 11.87 -9.57 -20.26
C MET B 181 11.35 -10.97 -20.54
N GLN B 182 11.98 -11.98 -19.91
CA GLN B 182 11.52 -13.39 -19.86
C GLN B 182 11.36 -13.76 -18.40
N LEU B 183 10.13 -13.94 -17.94
CA LEU B 183 9.82 -14.44 -16.58
C LEU B 183 9.64 -15.95 -16.68
N TYR B 184 10.46 -16.72 -15.98
CA TYR B 184 10.40 -18.21 -16.00
C TYR B 184 9.89 -18.69 -14.65
N SER B 185 8.91 -19.57 -14.68
CA SER B 185 8.43 -20.33 -13.51
C SER B 185 9.20 -21.64 -13.46
N VAL B 186 9.97 -21.82 -12.41
CA VAL B 186 10.71 -23.09 -12.19
C VAL B 186 9.69 -24.21 -11.87
N ASP B 187 8.61 -23.91 -11.13
CA ASP B 187 7.61 -24.96 -10.77
C ASP B 187 6.79 -25.38 -11.99
N ARG B 188 6.40 -24.45 -12.86
CA ARG B 188 5.56 -24.78 -14.06
C ARG B 188 6.38 -24.99 -15.33
N LYS B 189 7.66 -24.61 -15.38
CA LYS B 189 8.53 -24.74 -16.59
C LYS B 189 7.90 -23.97 -17.77
N VAL B 190 7.42 -22.77 -17.49
CA VAL B 190 6.74 -21.90 -18.49
C VAL B 190 7.41 -20.55 -18.46
N SER B 191 7.62 -20.00 -19.65
CA SER B 191 8.23 -18.66 -19.87
C SER B 191 7.12 -17.71 -20.32
N GLN B 192 7.16 -16.48 -19.86
CA GLN B 192 6.20 -15.42 -20.23
C GLN B 192 7.02 -14.24 -20.74
N PRO B 193 6.86 -13.82 -22.01
CA PRO B 193 7.54 -12.61 -22.48
C PRO B 193 6.75 -11.41 -21.95
N ILE B 194 7.48 -10.42 -21.45
CA ILE B 194 6.89 -9.18 -20.87
C ILE B 194 7.75 -8.01 -21.35
N GLU B 195 7.12 -6.91 -21.78
CA GLU B 195 7.85 -5.65 -22.08
C GLU B 195 8.18 -4.97 -20.75
N GLY B 196 9.48 -4.77 -20.48
CA GLY B 196 9.91 -4.15 -19.23
C GLY B 196 11.37 -3.73 -19.30
N HIS B 197 11.74 -2.73 -18.50
CA HIS B 197 13.08 -2.11 -18.50
C HIS B 197 13.84 -2.47 -17.21
N ALA B 198 13.16 -2.55 -16.07
CA ALA B 198 13.80 -2.78 -14.76
C ALA B 198 12.82 -3.48 -13.85
N ALA B 199 13.32 -4.29 -12.95
CA ALA B 199 12.47 -5.20 -12.15
C ALA B 199 13.26 -5.71 -10.96
N SER B 200 12.49 -6.16 -9.97
CA SER B 200 13.00 -6.86 -8.77
C SER B 200 11.88 -7.72 -8.22
N PHE B 201 12.25 -8.77 -7.49
CA PHE B 201 11.31 -9.54 -6.66
C PHE B 201 11.42 -8.98 -5.24
N ALA B 202 10.42 -9.21 -4.42
CA ALA B 202 10.47 -8.90 -2.99
C ALA B 202 9.58 -9.87 -2.22
N GLN B 203 9.95 -10.16 -0.99
CA GLN B 203 9.07 -10.86 -0.04
C GLN B 203 8.28 -9.79 0.72
N PHE B 204 6.99 -10.01 0.88
CA PHE B 204 6.11 -9.06 1.61
C PHE B 204 5.04 -9.84 2.38
N LYS B 205 4.98 -9.66 3.69
CA LYS B 205 3.90 -10.31 4.50
C LYS B 205 2.77 -9.31 4.72
N MET B 206 1.66 -9.52 4.02
CA MET B 206 0.38 -8.81 4.26
C MET B 206 -0.08 -9.06 5.70
N GLU B 207 -0.50 -8.02 6.41
CA GLU B 207 -1.17 -8.15 7.74
C GLU B 207 -2.34 -9.11 7.58
N GLY B 208 -2.49 -10.06 8.52
CA GLY B 208 -3.53 -11.10 8.45
C GLY B 208 -3.10 -12.32 7.65
N ASN B 209 -1.96 -12.29 6.97
CA ASN B 209 -1.37 -13.48 6.31
C ASN B 209 -0.33 -14.09 7.26
N ALA B 210 -0.26 -15.42 7.35
CA ALA B 210 0.75 -16.13 8.17
C ALA B 210 2.08 -16.23 7.39
N GLU B 211 2.03 -16.30 6.06
CA GLU B 211 3.20 -16.48 5.17
C GLU B 211 3.43 -15.26 4.29
N GLU B 212 4.69 -14.99 4.02
CA GLU B 212 5.14 -13.96 3.05
C GLU B 212 4.53 -14.28 1.70
N SER B 213 4.18 -13.23 0.95
CA SER B 213 3.90 -13.27 -0.51
C SER B 213 5.19 -13.02 -1.30
N THR B 214 5.36 -13.63 -2.46
CA THR B 214 6.43 -13.30 -3.41
C THR B 214 5.91 -12.29 -4.44
N LEU B 215 6.48 -11.09 -4.40
CA LEU B 215 6.09 -10.01 -5.34
C LEU B 215 7.16 -9.85 -6.42
N PHE B 216 6.64 -9.61 -7.62
CA PHE B 216 7.37 -9.28 -8.84
C PHE B 216 7.03 -7.83 -9.15
N CYS B 217 8.02 -6.96 -9.05
CA CYS B 217 7.86 -5.52 -9.38
C CYS B 217 8.66 -5.18 -10.64
N PHE B 218 8.00 -4.62 -11.66
CA PHE B 218 8.72 -4.16 -12.87
C PHE B 218 8.18 -2.81 -13.31
N ALA B 219 9.08 -2.03 -13.91
CA ALA B 219 8.87 -0.70 -14.51
C ALA B 219 9.21 -0.81 -15.99
N VAL B 220 8.41 -0.16 -16.82
CA VAL B 220 8.51 -0.14 -18.30
C VAL B 220 8.15 1.29 -18.73
N ARG B 221 8.85 1.80 -19.71
CA ARG B 221 8.34 2.89 -20.57
C ARG B 221 7.93 2.22 -21.88
N GLY B 222 6.62 2.01 -22.05
CA GLY B 222 6.05 1.39 -23.26
C GLY B 222 5.43 2.48 -24.13
N GLN B 223 4.60 2.08 -25.09
CA GLN B 223 3.76 3.04 -25.86
C GLN B 223 2.72 3.67 -24.90
N ALA B 224 2.27 2.92 -23.89
CA ALA B 224 1.36 3.40 -22.82
C ALA B 224 1.93 4.60 -22.05
N GLY B 225 3.25 4.85 -22.15
CA GLY B 225 4.00 5.74 -21.22
C GLY B 225 4.64 4.94 -20.09
N GLY B 226 5.04 5.58 -19.02
CA GLY B 226 5.68 4.90 -17.88
C GLY B 226 4.68 4.16 -17.00
N LYS B 227 4.97 2.89 -16.69
CA LYS B 227 4.16 2.05 -15.76
C LYS B 227 5.06 1.29 -14.79
N LEU B 228 4.60 1.18 -13.56
CA LEU B 228 5.17 0.27 -12.54
C LEU B 228 4.09 -0.72 -12.13
N HIS B 229 4.45 -1.99 -12.09
CA HIS B 229 3.54 -3.11 -11.78
C HIS B 229 4.09 -3.82 -10.55
N ILE B 230 3.20 -4.17 -9.63
CA ILE B 230 3.54 -4.97 -8.42
C ILE B 230 2.54 -6.13 -8.38
N ILE B 231 3.02 -7.34 -8.64
CA ILE B 231 2.21 -8.55 -8.92
C ILE B 231 2.72 -9.68 -8.04
N GLU B 232 1.83 -10.36 -7.33
CA GLU B 232 2.19 -11.63 -6.66
C GLU B 232 2.41 -12.68 -7.75
N VAL B 233 3.49 -13.46 -7.64
CA VAL B 233 3.75 -14.60 -8.55
C VAL B 233 3.61 -15.88 -7.75
N GLY B 234 3.08 -16.92 -8.38
CA GLY B 234 2.84 -18.21 -7.73
C GLY B 234 1.53 -18.18 -6.96
N THR B 235 0.99 -19.38 -6.71
CA THR B 235 -0.18 -19.60 -5.85
C THR B 235 0.15 -19.04 -4.48
N PRO B 236 -0.72 -18.22 -3.87
CA PRO B 236 -0.51 -17.83 -2.48
C PRO B 236 -0.28 -19.08 -1.63
N PRO B 237 0.67 -19.06 -0.68
CA PRO B 237 0.74 -20.10 0.35
C PRO B 237 -0.64 -20.41 0.93
N THR B 238 -0.90 -21.65 1.33
CA THR B 238 -2.23 -22.07 1.87
C THR B 238 -2.53 -21.21 3.10
N GLY B 239 -3.78 -20.76 3.24
CA GLY B 239 -4.22 -19.89 4.36
C GLY B 239 -4.13 -18.40 4.01
N ASN B 240 -3.30 -18.01 3.02
CA ASN B 240 -2.95 -16.59 2.72
C ASN B 240 -4.02 -15.97 1.84
N GLN B 241 -4.35 -14.71 2.08
CA GLN B 241 -5.08 -13.88 1.08
C GLN B 241 -4.13 -13.54 -0.06
N PRO B 242 -4.60 -13.53 -1.32
CA PRO B 242 -3.78 -13.10 -2.45
C PRO B 242 -3.42 -11.61 -2.33
N PHE B 243 -2.27 -11.23 -2.86
CA PHE B 243 -1.80 -9.82 -2.91
C PHE B 243 -2.48 -9.18 -4.11
N PRO B 244 -3.27 -8.09 -3.91
CA PRO B 244 -3.94 -7.44 -5.03
C PRO B 244 -2.95 -6.69 -5.93
N LYS B 245 -3.06 -6.91 -7.23
CA LYS B 245 -2.16 -6.34 -8.29
C LYS B 245 -2.15 -4.82 -8.19
N LYS B 246 -1.00 -4.18 -8.33
CA LYS B 246 -0.93 -2.70 -8.42
C LYS B 246 -0.32 -2.34 -9.78
N ALA B 247 -0.84 -1.27 -10.36
CA ALA B 247 -0.34 -0.61 -11.58
C ALA B 247 -0.41 0.90 -11.33
N VAL B 248 0.70 1.61 -11.44
CA VAL B 248 0.76 3.07 -11.20
C VAL B 248 1.64 3.69 -12.29
N ASP B 249 1.50 5.01 -12.48
CA ASP B 249 2.17 5.70 -13.60
C ASP B 249 3.61 5.91 -13.17
N VAL B 250 4.53 5.84 -14.13
CA VAL B 250 5.90 6.34 -13.89
C VAL B 250 6.02 7.63 -14.71
N PHE B 251 6.10 8.78 -14.03
CA PHE B 251 6.19 10.11 -14.68
C PHE B 251 7.58 10.31 -15.33
N PHE B 252 7.56 10.75 -16.58
CA PHE B 252 8.73 11.32 -17.29
C PHE B 252 8.40 12.76 -17.67
N PRO B 253 9.18 13.79 -17.27
CA PRO B 253 8.90 15.15 -17.73
C PRO B 253 9.18 15.32 -19.22
N PRO B 254 8.66 16.41 -19.83
CA PRO B 254 8.74 16.60 -21.29
C PRO B 254 10.17 16.61 -21.86
N GLU B 255 11.11 17.17 -21.10
CA GLU B 255 12.52 17.31 -21.50
C GLU B 255 13.25 15.96 -21.37
N ALA B 256 12.60 14.93 -20.82
CA ALA B 256 13.15 13.56 -20.63
C ALA B 256 12.41 12.58 -21.53
N GLN B 257 12.02 13.04 -22.72
CA GLN B 257 11.25 12.25 -23.70
C GLN B 257 12.00 10.95 -24.08
N ASN B 258 13.33 10.87 -23.95
CA ASN B 258 14.10 9.65 -24.34
C ASN B 258 14.61 8.85 -23.14
N ASP B 259 14.14 9.18 -21.94
CA ASP B 259 14.55 8.52 -20.67
C ASP B 259 13.76 7.22 -20.50
N PHE B 260 14.28 6.30 -19.68
CA PHE B 260 13.64 5.00 -19.39
C PHE B 260 14.22 4.41 -18.10
N PRO B 261 13.49 3.50 -17.41
CA PRO B 261 14.02 2.92 -16.18
C PRO B 261 15.26 2.08 -16.49
N VAL B 262 16.28 2.14 -15.63
CA VAL B 262 17.49 1.28 -15.78
C VAL B 262 17.73 0.41 -14.54
N ALA B 263 17.26 0.77 -13.35
CA ALA B 263 17.61 0.00 -12.14
C ALA B 263 16.50 0.10 -11.09
N MET B 264 16.38 -0.95 -10.29
CA MET B 264 15.37 -1.06 -9.24
C MET B 264 16.02 -1.80 -8.09
N GLN B 265 15.89 -1.28 -6.88
CA GLN B 265 16.17 -2.05 -5.65
C GLN B 265 14.95 -1.87 -4.74
N ILE B 266 14.60 -2.90 -3.99
CA ILE B 266 13.45 -2.86 -3.03
C ILE B 266 14.01 -2.98 -1.62
N SER B 267 13.75 -2.00 -0.76
CA SER B 267 14.12 -2.06 0.67
C SER B 267 13.08 -2.94 1.36
N GLU B 268 13.46 -4.09 1.91
CA GLU B 268 12.50 -4.91 2.72
C GLU B 268 12.41 -4.33 4.14
N LYS B 269 13.40 -3.53 4.55
CA LYS B 269 13.33 -2.80 5.83
C LYS B 269 12.19 -1.78 5.80
N HIS B 270 12.03 -1.05 4.69
CA HIS B 270 11.05 0.08 4.60
C HIS B 270 9.87 -0.26 3.69
N ASP B 271 9.93 -1.39 2.97
CA ASP B 271 8.93 -1.76 1.93
C ASP B 271 8.74 -0.62 0.92
N VAL B 272 9.85 -0.11 0.39
CA VAL B 272 9.78 0.91 -0.71
C VAL B 272 10.58 0.40 -1.90
N VAL B 273 10.18 0.87 -3.08
CA VAL B 273 10.88 0.60 -4.37
C VAL B 273 11.66 1.85 -4.74
N PHE B 274 12.97 1.73 -4.87
CA PHE B 274 13.85 2.74 -5.51
C PHE B 274 13.94 2.44 -7.00
N LEU B 275 13.69 3.44 -7.83
CA LEU B 275 13.74 3.32 -9.31
C LEU B 275 14.66 4.41 -9.83
N ILE B 276 15.68 4.04 -10.58
CA ILE B 276 16.58 5.02 -11.23
C ILE B 276 16.37 4.94 -12.73
N THR B 277 16.32 6.10 -13.38
CA THR B 277 16.23 6.20 -14.86
C THR B 277 17.62 6.40 -15.47
N LYS B 278 17.74 6.07 -16.75
CA LYS B 278 18.98 6.16 -17.55
C LYS B 278 19.61 7.54 -17.35
N TYR B 279 18.80 8.61 -17.36
CA TYR B 279 19.32 10.01 -17.35
C TYR B 279 19.17 10.66 -15.97
N GLY B 280 19.19 9.87 -14.89
CA GLY B 280 19.55 10.37 -13.55
C GLY B 280 18.36 10.80 -12.70
N TYR B 281 17.15 10.32 -12.99
CA TYR B 281 15.99 10.55 -12.10
C TYR B 281 15.92 9.39 -11.09
N ILE B 282 15.63 9.72 -9.85
CA ILE B 282 15.37 8.76 -8.74
C ILE B 282 13.88 8.84 -8.39
N HIS B 283 13.17 7.72 -8.33
CA HIS B 283 11.76 7.64 -7.89
C HIS B 283 11.68 6.72 -6.66
N LEU B 284 10.78 7.02 -5.74
CA LEU B 284 10.55 6.17 -4.55
C LEU B 284 9.06 5.83 -4.54
N TYR B 285 8.73 4.55 -4.47
CA TYR B 285 7.32 4.08 -4.45
C TYR B 285 7.11 3.20 -3.23
N ASP B 286 5.89 3.22 -2.70
CA ASP B 286 5.48 2.28 -1.64
C ASP B 286 5.31 0.90 -2.30
N LEU B 287 5.89 -0.15 -1.74
CA LEU B 287 5.80 -1.52 -2.34
C LEU B 287 4.37 -2.03 -2.22
N GLU B 288 3.67 -1.69 -1.15
CA GLU B 288 2.36 -2.31 -0.80
C GLU B 288 1.30 -1.78 -1.77
N THR B 289 1.29 -0.47 -2.05
CA THR B 289 0.24 0.22 -2.85
C THR B 289 0.77 0.73 -4.19
N GLY B 290 2.08 0.87 -4.36
CA GLY B 290 2.65 1.48 -5.58
C GLY B 290 2.56 3.01 -5.55
N THR B 291 2.07 3.62 -4.47
CA THR B 291 2.00 5.10 -4.38
C THR B 291 3.40 5.68 -4.61
N CYS B 292 3.48 6.67 -5.50
CA CYS B 292 4.71 7.46 -5.70
C CYS B 292 4.94 8.38 -4.49
N ILE B 293 6.05 8.24 -3.79
CA ILE B 293 6.39 9.01 -2.56
C ILE B 293 7.23 10.24 -2.93
N TYR B 294 8.10 10.10 -3.94
CA TYR B 294 9.12 11.12 -4.24
C TYR B 294 9.74 10.86 -5.60
N MET B 295 9.98 11.93 -6.34
CA MET B 295 10.83 11.98 -7.54
C MET B 295 11.78 13.18 -7.46
N ASN B 296 12.95 13.05 -8.05
CA ASN B 296 13.94 14.15 -8.14
C ASN B 296 15.03 13.73 -9.11
N ARG B 297 15.89 14.66 -9.50
CA ARG B 297 17.03 14.38 -10.39
C ARG B 297 18.27 14.33 -9.52
N ILE B 298 18.99 13.23 -9.57
CA ILE B 298 20.37 13.17 -9.03
C ILE B 298 21.22 14.07 -9.92
N SER B 299 21.31 13.72 -11.20
CA SER B 299 22.32 14.25 -12.16
C SER B 299 21.86 14.02 -13.60
N GLY B 300 22.62 14.57 -14.54
CA GLY B 300 22.53 14.24 -15.98
C GLY B 300 23.19 12.90 -16.25
N GLU B 301 24.06 12.45 -15.33
CA GLU B 301 24.94 11.24 -15.46
C GLU B 301 24.11 9.95 -15.38
N THR B 302 24.47 8.99 -16.24
CA THR B 302 24.01 7.57 -16.26
C THR B 302 24.68 6.81 -15.09
N ILE B 303 23.87 6.44 -14.08
CA ILE B 303 24.27 5.45 -13.02
C ILE B 303 24.07 4.07 -13.63
N PHE B 304 25.16 3.37 -13.97
CA PHE B 304 25.11 2.23 -14.94
C PHE B 304 25.18 0.90 -14.20
N VAL B 305 25.36 0.95 -12.89
CA VAL B 305 25.44 -0.30 -12.09
C VAL B 305 24.91 0.04 -10.69
N THR B 306 24.17 -0.88 -10.10
CA THR B 306 23.59 -0.66 -8.76
C THR B 306 23.58 -1.98 -7.97
N ALA B 307 23.50 -1.86 -6.66
CA ALA B 307 23.34 -2.98 -5.73
C ALA B 307 22.56 -2.45 -4.54
N PRO B 308 22.07 -3.36 -3.68
CA PRO B 308 21.53 -2.94 -2.39
C PRO B 308 22.65 -2.30 -1.56
N HIS B 309 22.30 -1.28 -0.80
CA HIS B 309 23.20 -0.68 0.21
C HIS B 309 22.73 -1.21 1.57
N GLU B 310 23.41 -2.27 2.04
CA GLU B 310 23.09 -3.02 3.27
C GLU B 310 22.88 -2.05 4.44
N ALA B 311 23.86 -1.21 4.76
CA ALA B 311 23.89 -0.34 5.96
C ALA B 311 22.56 0.44 6.12
N THR B 312 22.02 0.98 5.01
CA THR B 312 20.89 1.96 4.93
C THR B 312 19.61 1.31 4.42
N ALA B 313 19.66 0.03 4.02
CA ALA B 313 18.61 -0.68 3.23
C ALA B 313 18.27 0.12 1.97
N GLY B 314 19.27 0.70 1.32
CA GLY B 314 19.09 1.64 0.20
C GLY B 314 19.66 1.10 -1.09
N ILE B 315 20.09 1.97 -1.98
CA ILE B 315 20.64 1.58 -3.31
C ILE B 315 21.95 2.34 -3.44
N ILE B 316 22.97 1.69 -3.95
CA ILE B 316 24.29 2.31 -4.19
C ILE B 316 24.60 2.08 -5.65
N GLY B 317 25.30 3.04 -6.27
CA GLY B 317 25.56 2.96 -7.72
C GLY B 317 26.88 3.61 -8.05
N VAL B 318 27.34 3.39 -9.27
CA VAL B 318 28.54 4.10 -9.82
C VAL B 318 28.09 4.78 -11.11
N ASN B 319 28.39 6.06 -11.28
CA ASN B 319 28.11 6.73 -12.59
C ASN B 319 29.37 6.75 -13.45
N ARG B 320 29.27 7.24 -14.68
CA ARG B 320 30.36 7.18 -15.70
C ARG B 320 31.52 8.07 -15.25
N LYS B 321 31.26 9.06 -14.41
CA LYS B 321 32.33 9.88 -13.78
C LYS B 321 33.19 9.06 -12.80
N GLY B 322 32.63 8.02 -12.17
CA GLY B 322 33.33 7.26 -11.11
C GLY B 322 32.82 7.67 -9.73
N GLN B 323 31.73 8.40 -9.66
CA GLN B 323 31.12 8.73 -8.35
C GLN B 323 30.39 7.48 -7.85
N VAL B 324 30.75 7.02 -6.66
CA VAL B 324 30.00 5.94 -5.96
C VAL B 324 29.03 6.63 -5.01
N LEU B 325 27.73 6.50 -5.29
CA LEU B 325 26.74 7.22 -4.46
C LEU B 325 25.58 6.32 -4.10
N SER B 326 24.97 6.64 -2.97
CA SER B 326 23.89 5.83 -2.38
C SER B 326 22.72 6.75 -2.12
N VAL B 327 21.54 6.17 -2.19
CA VAL B 327 20.25 6.79 -1.83
C VAL B 327 19.56 5.85 -0.84
N CYS B 328 19.01 6.39 0.23
CA CYS B 328 18.20 5.58 1.16
C CYS B 328 17.05 6.43 1.69
N VAL B 329 16.10 5.76 2.33
CA VAL B 329 15.05 6.44 3.13
C VAL B 329 15.76 7.26 4.22
N GLU B 330 15.39 8.53 4.34
CA GLU B 330 15.70 9.36 5.53
C GLU B 330 14.69 9.01 6.63
N GLU B 331 15.06 8.16 7.59
CA GLU B 331 14.10 7.56 8.55
C GLU B 331 13.42 8.63 9.41
N GLU B 332 14.04 9.79 9.61
CA GLU B 332 13.47 10.86 10.49
C GLU B 332 12.48 11.73 9.71
N ASN B 333 12.58 11.81 8.39
CA ASN B 333 11.80 12.76 7.58
C ASN B 333 10.64 12.09 6.84
N ILE B 334 10.76 10.80 6.52
CA ILE B 334 9.84 10.20 5.50
C ILE B 334 8.40 10.33 5.98
N ILE B 335 8.13 10.08 7.26
CA ILE B 335 6.71 10.10 7.76
C ILE B 335 6.19 11.54 7.73
N PRO B 336 6.87 12.54 8.37
CA PRO B 336 6.46 13.95 8.22
C PRO B 336 6.29 14.40 6.77
N TYR B 337 7.19 13.97 5.88
CA TYR B 337 7.18 14.33 4.43
C TYR B 337 5.89 13.82 3.78
N ILE B 338 5.52 12.57 4.04
CA ILE B 338 4.30 11.96 3.44
C ILE B 338 3.06 12.64 4.05
N THR B 339 3.10 12.96 5.35
CA THR B 339 1.94 13.61 6.04
C THR B 339 1.77 15.02 5.48
N ASN B 340 2.85 15.81 5.40
CA ASN B 340 2.77 17.29 5.24
C ASN B 340 2.95 17.65 3.77
N VAL B 341 4.06 17.24 3.15
CA VAL B 341 4.31 17.54 1.72
C VAL B 341 3.35 16.76 0.81
N LEU B 342 3.28 15.42 0.90
CA LEU B 342 2.41 14.58 0.04
C LEU B 342 0.96 14.68 0.50
N GLN B 343 0.73 15.13 1.74
CA GLN B 343 -0.62 15.24 2.35
C GLN B 343 -1.34 13.90 2.23
N ASN B 344 -0.67 12.81 2.66
CA ASN B 344 -1.23 11.44 2.59
C ASN B 344 -1.06 10.85 3.98
N PRO B 345 -1.85 11.31 4.97
CA PRO B 345 -1.72 10.82 6.34
C PRO B 345 -2.04 9.32 6.41
N ASP B 346 -2.84 8.78 5.48
CA ASP B 346 -3.17 7.34 5.45
C ASP B 346 -1.90 6.52 5.21
N LEU B 347 -1.17 6.80 4.13
CA LEU B 347 0.11 6.14 3.79
C LEU B 347 1.11 6.41 4.91
N ALA B 348 1.12 7.63 5.43
CA ALA B 348 2.09 8.00 6.47
C ALA B 348 1.90 7.13 7.70
N LEU B 349 0.66 6.95 8.16
CA LEU B 349 0.38 6.16 9.39
C LEU B 349 0.67 4.67 9.13
N ARG B 350 0.26 4.15 7.98
CA ARG B 350 0.54 2.75 7.55
C ARG B 350 2.06 2.51 7.61
N MET B 351 2.84 3.36 6.96
CA MET B 351 4.31 3.17 6.88
C MET B 351 4.92 3.31 8.27
N ALA B 352 4.42 4.21 9.10
CA ALA B 352 4.99 4.45 10.46
C ALA B 352 4.92 3.16 11.29
N VAL B 353 3.79 2.43 11.27
CA VAL B 353 3.62 1.21 12.12
C VAL B 353 4.17 0.00 11.37
N ARG B 354 4.01 -0.06 10.06
CA ARG B 354 4.50 -1.19 9.22
C ARG B 354 6.02 -1.33 9.36
N ASN B 355 6.76 -0.24 9.32
CA ASN B 355 8.26 -0.30 9.23
C ASN B 355 8.86 0.39 10.45
N ASN B 356 8.05 0.60 11.48
CA ASN B 356 8.53 1.08 12.79
C ASN B 356 9.32 2.37 12.60
N LEU B 357 8.68 3.40 12.05
CA LEU B 357 9.30 4.74 11.83
C LEU B 357 8.61 5.78 12.71
N ALA B 358 9.29 6.90 12.98
CA ALA B 358 8.86 7.98 13.90
C ALA B 358 8.11 9.08 13.12
N GLY B 359 7.05 9.65 13.73
CA GLY B 359 6.41 10.90 13.27
C GLY B 359 4.90 10.82 13.08
N ALA B 360 4.27 9.64 13.16
CA ALA B 360 2.81 9.46 12.90
C ALA B 360 1.99 9.55 14.22
N GLU B 361 2.67 9.95 15.32
CA GLU B 361 2.10 10.47 16.60
C GLU B 361 1.40 11.81 16.33
N GLU B 362 1.98 12.62 15.43
CA GLU B 362 1.50 13.96 14.99
C GLU B 362 1.11 13.91 13.50
N LEU B 363 -0.15 13.56 13.20
CA LEU B 363 -0.73 13.58 11.83
C LEU B 363 -1.69 14.77 11.69
N SER C 4 -15.91 35.24 -4.58
CA SER C 4 -15.38 33.84 -4.45
C SER C 4 -16.11 32.92 -5.44
N VAL C 5 -15.39 32.39 -6.42
CA VAL C 5 -15.96 31.67 -7.59
C VAL C 5 -16.58 30.35 -7.13
N ASP C 6 -17.46 29.80 -7.96
CA ASP C 6 -18.07 28.47 -7.76
C ASP C 6 -16.97 27.41 -7.82
N LEU C 7 -17.01 26.47 -6.88
CA LEU C 7 -16.03 25.36 -6.74
C LEU C 7 -16.42 24.22 -7.68
N ILE C 8 -17.59 24.31 -8.31
CA ILE C 8 -18.05 23.38 -9.38
C ILE C 8 -18.62 24.22 -10.55
N THR C 9 -18.44 23.72 -11.76
CA THR C 9 -18.91 24.26 -13.07
C THR C 9 -19.96 23.30 -13.67
N PHE C 10 -21.14 23.80 -14.02
CA PHE C 10 -22.19 23.00 -14.69
C PHE C 10 -22.23 23.27 -16.21
N ASP C 11 -22.98 22.41 -16.91
CA ASP C 11 -23.21 22.47 -18.37
C ASP C 11 -23.68 23.87 -18.80
N VAL D 5 45.03 -22.78 -17.90
CA VAL D 5 45.93 -21.95 -17.02
C VAL D 5 45.10 -20.84 -16.35
N ASP D 6 45.58 -20.34 -15.23
CA ASP D 6 44.80 -19.46 -14.31
C ASP D 6 44.57 -18.11 -14.99
N LEU D 7 43.35 -17.58 -14.85
CA LEU D 7 42.93 -16.31 -15.51
C LEU D 7 43.39 -15.12 -14.66
N ILE D 8 43.98 -15.39 -13.50
CA ILE D 8 44.53 -14.36 -12.58
C ILE D 8 45.82 -14.93 -11.99
N THR D 9 46.76 -14.03 -11.70
CA THR D 9 48.09 -14.28 -11.08
C THR D 9 48.16 -13.60 -9.71
N PHE D 10 48.67 -14.30 -8.71
CA PHE D 10 48.83 -13.75 -7.33
C PHE D 10 50.29 -13.44 -7.00
N ASP D 11 50.49 -12.80 -5.85
CA ASP D 11 51.72 -12.06 -5.40
C ASP D 11 52.74 -13.03 -4.80
#